data_8BIJ
#
_entry.id   8BIJ
#
_cell.length_a   72.310
_cell.length_b   76.460
_cell.length_c   113.430
_cell.angle_alpha   90.000
_cell.angle_beta   90.000
_cell.angle_gamma   90.000
#
_symmetry.space_group_name_H-M   'P 21 21 21'
#
loop_
_entity.id
_entity.type
_entity.pdbx_description
1 polymer 'Methyltransferase Plu4894 mutant I88M, W91L, C97Y, S142L, G146V, Y258M, L270F, S309Y'
2 non-polymer S-ADENOSYL-L-HOMOCYSTEINE
3 non-polymer 1,2-ETHANEDIOL
4 non-polymer 'SODIUM ION'
5 non-polymer 'CHLORIDE ION'
6 water water
#
_entity_poly.entity_id   1
_entity_poly.type   'polypeptide(L)'
_entity_poly.pdbx_seq_one_letter_code
;SMLAELITSYRKSAAIYAFVDTGLSIHFRNGAYVDIDELSRQCGIDYSRLDRLCDFLIEIGILVNHGHKVTLSEECSALA
DPESMESLMVKLELSPDYWNAWSMYPRSLLENDGKPAFEITHGKSFFEHLASNKLLKSNFDSLMSKVSDKIIEKLLDIYD
FGQYNRILDIGGGEGSLLVKMSEKVKGKHYAVLDRYDEIPVLENIDFINGDFLKVIPSGYDLYILKDVIHDWSDNNAILI
LENCRKAMDNGSAVLLISMMKKPQSKMVIYFDILMDVLFSGKERYLTEFERLANQAGLVIQDVKDIDESYSIIQLGIK
;
_entity_poly.pdbx_strand_id   A,B
#
loop_
_chem_comp.id
_chem_comp.type
_chem_comp.name
_chem_comp.formula
CL non-polymer 'CHLORIDE ION' 'Cl -1'
EDO non-polymer 1,2-ETHANEDIOL 'C2 H6 O2'
NA non-polymer 'SODIUM ION' 'Na 1'
SAH non-polymer S-ADENOSYL-L-HOMOCYSTEINE 'C14 H20 N6 O5 S'
#
# COMPACT_ATOMS: atom_id res chain seq x y z
N SER A 1 -10.97 -2.49 -14.86
CA SER A 1 -11.36 -1.05 -14.92
C SER A 1 -10.23 -0.19 -14.35
N MET A 2 -10.05 1.02 -14.91
CA MET A 2 -9.06 2.02 -14.44
C MET A 2 -9.21 2.19 -12.92
N LEU A 3 -10.44 2.30 -12.41
CA LEU A 3 -10.68 2.60 -10.97
C LEU A 3 -10.26 1.41 -10.11
N ALA A 4 -10.66 0.18 -10.47
CA ALA A 4 -10.31 -1.05 -9.72
C ALA A 4 -8.78 -1.19 -9.66
N GLU A 5 -8.09 -0.89 -10.76
CA GLU A 5 -6.61 -0.97 -10.86
C GLU A 5 -5.96 0.04 -9.91
N LEU A 6 -6.50 1.26 -9.81
CA LEU A 6 -5.99 2.27 -8.84
C LEU A 6 -6.22 1.74 -7.42
N ILE A 7 -7.40 1.17 -7.14
CA ILE A 7 -7.75 0.69 -5.78
C ILE A 7 -6.75 -0.38 -5.33
N THR A 8 -6.35 -1.28 -6.23
CA THR A 8 -5.51 -2.47 -5.90
C THR A 8 -4.03 -2.17 -6.15
N SER A 9 -3.67 -0.91 -6.47
CA SER A 9 -2.28 -0.46 -6.79
C SER A 9 -1.30 -0.88 -5.69
N TYR A 10 -1.72 -0.75 -4.43
CA TYR A 10 -0.88 -0.97 -3.22
C TYR A 10 -0.21 -2.35 -3.26
N ARG A 11 -0.84 -3.35 -3.89
CA ARG A 11 -0.27 -4.73 -3.92
C ARG A 11 1.07 -4.73 -4.66
N LYS A 12 1.22 -3.86 -5.66
CA LYS A 12 2.47 -3.72 -6.46
C LYS A 12 3.60 -3.32 -5.49
N SER A 13 3.38 -2.28 -4.70
CA SER A 13 4.36 -1.76 -3.71
C SER A 13 4.74 -2.88 -2.73
N ALA A 14 3.74 -3.58 -2.18
CA ALA A 14 3.95 -4.63 -1.16
C ALA A 14 4.76 -5.78 -1.76
N ALA A 15 4.51 -6.16 -3.01
CA ALA A 15 5.24 -7.26 -3.71
C ALA A 15 6.71 -6.85 -3.88
N ILE A 16 6.96 -5.59 -4.24
CA ILE A 16 8.34 -5.04 -4.39
C ILE A 16 9.03 -5.09 -3.02
N TYR A 17 8.33 -4.74 -1.94
CA TYR A 17 8.87 -4.80 -0.57
C TYR A 17 9.29 -6.23 -0.25
N ALA A 18 8.46 -7.22 -0.60
CA ALA A 18 8.79 -8.65 -0.39
C ALA A 18 10.03 -9.03 -1.23
N PHE A 19 10.04 -8.64 -2.51
CA PHE A 19 11.12 -8.93 -3.48
C PHE A 19 12.49 -8.47 -2.93
N VAL A 20 12.54 -7.25 -2.39
CA VAL A 20 13.80 -6.64 -1.88
C VAL A 20 14.10 -7.14 -0.47
N ASP A 21 13.12 -7.08 0.45
CA ASP A 21 13.36 -7.23 1.91
C ASP A 21 13.68 -8.68 2.26
N THR A 22 13.16 -9.66 1.52
CA THR A 22 13.46 -11.11 1.75
C THR A 22 14.86 -11.45 1.22
N GLY A 23 15.46 -10.58 0.41
CA GLY A 23 16.79 -10.79 -0.22
C GLY A 23 16.70 -11.47 -1.57
N LEU A 24 15.50 -11.70 -2.11
CA LEU A 24 15.33 -12.34 -3.46
C LEU A 24 16.05 -11.52 -4.53
N SER A 25 15.88 -10.19 -4.51
CA SER A 25 16.32 -9.27 -5.60
C SER A 25 17.82 -9.43 -5.88
N ILE A 26 18.62 -9.74 -4.85
CA ILE A 26 20.09 -9.96 -4.92
C ILE A 26 20.44 -10.87 -6.10
N HIS A 27 19.68 -11.96 -6.28
CA HIS A 27 20.01 -13.06 -7.23
C HIS A 27 19.76 -12.62 -8.67
N PHE A 28 19.22 -11.40 -8.88
CA PHE A 28 18.86 -10.86 -10.21
C PHE A 28 19.85 -9.78 -10.67
N ARG A 29 20.89 -9.51 -9.88
CA ARG A 29 21.89 -8.45 -10.21
C ARG A 29 22.57 -8.80 -11.55
N ASN A 30 23.00 -7.76 -12.28
CA ASN A 30 23.81 -7.83 -13.52
C ASN A 30 23.08 -8.65 -14.60
N GLY A 31 21.73 -8.58 -14.61
CA GLY A 31 20.87 -9.20 -15.64
C GLY A 31 20.89 -10.71 -15.62
N ALA A 32 21.10 -11.32 -14.45
CA ALA A 32 21.21 -12.78 -14.25
C ALA A 32 19.88 -13.46 -14.59
N TYR A 33 19.93 -14.60 -15.29
CA TYR A 33 18.79 -15.51 -15.54
C TYR A 33 18.63 -16.43 -14.32
N VAL A 34 17.48 -16.38 -13.65
CA VAL A 34 17.24 -17.05 -12.34
C VAL A 34 16.25 -18.20 -12.52
N ASP A 35 16.60 -19.37 -11.97
CA ASP A 35 15.71 -20.54 -11.80
C ASP A 35 15.00 -20.41 -10.46
N ILE A 36 13.66 -20.48 -10.45
CA ILE A 36 12.80 -20.16 -9.27
C ILE A 36 12.98 -21.26 -8.21
N ASP A 37 13.10 -22.53 -8.62
CA ASP A 37 13.35 -23.66 -7.69
C ASP A 37 14.72 -23.48 -7.02
N GLU A 38 15.72 -23.03 -7.77
CA GLU A 38 17.09 -22.75 -7.26
C GLU A 38 17.03 -21.52 -6.34
N LEU A 39 16.30 -20.48 -6.74
CA LEU A 39 16.07 -19.25 -5.94
C LEU A 39 15.38 -19.61 -4.62
N SER A 40 14.41 -20.52 -4.67
CA SER A 40 13.66 -21.06 -3.50
C SER A 40 14.63 -21.59 -2.44
N ARG A 41 15.73 -22.22 -2.88
CA ARG A 41 16.79 -22.79 -2.00
C ARG A 41 17.67 -21.70 -1.41
N GLN A 42 18.24 -20.85 -2.26
CA GLN A 42 19.25 -19.83 -1.89
C GLN A 42 18.67 -18.84 -0.88
N CYS A 43 17.35 -18.60 -0.92
CA CYS A 43 16.65 -17.57 -0.09
C CYS A 43 15.72 -18.23 0.96
N GLY A 44 15.52 -19.55 0.89
CA GLY A 44 14.76 -20.32 1.89
C GLY A 44 13.29 -19.92 1.96
N ILE A 45 12.63 -19.82 0.81
CA ILE A 45 11.17 -19.52 0.68
C ILE A 45 10.49 -20.69 -0.02
N ASP A 46 9.32 -21.11 0.48
CA ASP A 46 8.47 -22.18 -0.11
C ASP A 46 8.36 -21.94 -1.62
N TYR A 47 8.66 -22.96 -2.45
CA TYR A 47 8.69 -22.85 -3.93
C TYR A 47 7.37 -22.28 -4.46
N SER A 48 6.24 -22.88 -4.03
CA SER A 48 4.88 -22.54 -4.52
C SER A 48 4.58 -21.06 -4.23
N ARG A 49 4.82 -20.63 -2.99
CA ARG A 49 4.60 -19.23 -2.57
C ARG A 49 5.50 -18.29 -3.38
N LEU A 50 6.77 -18.67 -3.56
CA LEU A 50 7.77 -17.88 -4.33
C LEU A 50 7.32 -17.81 -5.80
N ASP A 51 6.93 -18.96 -6.38
CA ASP A 51 6.50 -19.03 -7.80
C ASP A 51 5.31 -18.09 -8.01
N ARG A 52 4.39 -18.05 -7.05
CA ARG A 52 3.19 -17.16 -7.11
C ARG A 52 3.62 -15.70 -7.00
N LEU A 53 4.57 -15.37 -6.12
CA LEU A 53 5.12 -14.00 -6.03
C LEU A 53 5.74 -13.59 -7.37
N CYS A 54 6.56 -14.48 -7.96
CA CYS A 54 7.26 -14.23 -9.26
C CYS A 54 6.23 -14.05 -10.39
N ASP A 55 5.17 -14.86 -10.40
CA ASP A 55 4.04 -14.71 -11.35
C ASP A 55 3.50 -13.28 -11.23
N PHE A 56 3.27 -12.80 -10.00
CA PHE A 56 2.75 -11.44 -9.73
C PHE A 56 3.76 -10.39 -10.23
N LEU A 57 5.05 -10.59 -9.93
CA LEU A 57 6.14 -9.67 -10.35
C LEU A 57 6.25 -9.65 -11.87
N ILE A 58 6.01 -10.78 -12.56
CA ILE A 58 5.98 -10.84 -14.05
C ILE A 58 4.78 -10.02 -14.54
N GLU A 59 3.61 -10.19 -13.92
CA GLU A 59 2.34 -9.53 -14.34
C GLU A 59 2.52 -8.00 -14.33
N ILE A 60 3.19 -7.46 -13.31
CA ILE A 60 3.31 -5.98 -13.09
C ILE A 60 4.57 -5.44 -13.79
N GLY A 61 5.38 -6.32 -14.38
CA GLY A 61 6.51 -5.95 -15.27
C GLY A 61 7.83 -5.78 -14.55
N ILE A 62 7.92 -6.19 -13.28
CA ILE A 62 9.18 -6.18 -12.48
C ILE A 62 10.12 -7.25 -13.06
N LEU A 63 9.60 -8.47 -13.25
CA LEU A 63 10.34 -9.61 -13.82
C LEU A 63 9.87 -9.87 -15.25
N VAL A 64 10.77 -10.40 -16.08
CA VAL A 64 10.52 -10.79 -17.50
C VAL A 64 10.75 -12.30 -17.61
N ASN A 65 9.79 -13.02 -18.18
CA ASN A 65 9.83 -14.50 -18.34
C ASN A 65 10.66 -14.84 -19.58
N HIS A 66 11.64 -15.74 -19.44
CA HIS A 66 12.46 -16.30 -20.54
C HIS A 66 12.38 -17.82 -20.51
N GLY A 67 11.21 -18.37 -20.89
CA GLY A 67 10.92 -19.82 -20.84
C GLY A 67 10.80 -20.30 -19.42
N HIS A 68 11.83 -21.00 -18.93
CA HIS A 68 11.88 -21.65 -17.59
C HIS A 68 12.76 -20.84 -16.63
N LYS A 69 13.07 -19.59 -16.97
CA LYS A 69 13.92 -18.67 -16.16
C LYS A 69 13.33 -17.25 -16.22
N VAL A 70 13.68 -16.42 -15.23
CA VAL A 70 13.18 -15.02 -15.09
C VAL A 70 14.36 -14.07 -14.89
N THR A 71 14.29 -12.89 -15.49
CA THR A 71 15.26 -11.76 -15.31
C THR A 71 14.51 -10.57 -14.72
N LEU A 72 15.25 -9.63 -14.14
CA LEU A 72 14.73 -8.34 -13.62
C LEU A 72 14.75 -7.33 -14.77
N SER A 73 13.60 -6.74 -15.11
CA SER A 73 13.47 -5.73 -16.19
C SER A 73 14.57 -4.68 -16.02
N GLU A 74 15.15 -4.21 -17.13
CA GLU A 74 16.28 -3.24 -17.16
C GLU A 74 15.86 -1.96 -16.41
N GLU A 75 14.60 -1.55 -16.52
CA GLU A 75 14.05 -0.30 -15.92
C GLU A 75 14.01 -0.43 -14.39
N CYS A 76 14.03 -1.66 -13.85
CA CYS A 76 13.90 -1.96 -12.40
C CYS A 76 15.19 -2.57 -11.83
N SER A 77 16.32 -2.45 -12.54
CA SER A 77 17.61 -3.09 -12.19
C SER A 77 18.09 -2.64 -10.80
N ALA A 78 17.75 -1.42 -10.37
CA ALA A 78 18.13 -0.82 -9.07
C ALA A 78 17.71 -1.73 -7.90
N LEU A 79 16.61 -2.50 -8.05
CA LEU A 79 16.06 -3.36 -6.96
C LEU A 79 17.03 -4.50 -6.63
N ALA A 80 17.92 -4.89 -7.57
CA ALA A 80 18.91 -5.97 -7.39
C ALA A 80 20.04 -5.51 -6.46
N ASP A 81 20.22 -4.19 -6.32
CA ASP A 81 21.24 -3.58 -5.43
C ASP A 81 20.57 -3.21 -4.10
N PRO A 82 20.88 -3.91 -2.99
CA PRO A 82 20.18 -3.68 -1.71
C PRO A 82 20.48 -2.31 -1.09
N GLU A 83 21.54 -1.64 -1.56
CA GLU A 83 21.98 -0.31 -1.06
C GLU A 83 21.72 0.76 -2.11
N SER A 84 20.96 0.47 -3.18
CA SER A 84 20.49 1.51 -4.12
C SER A 84 19.52 2.44 -3.38
N MET A 85 19.37 3.67 -3.86
CA MET A 85 18.41 4.65 -3.29
C MET A 85 17.02 4.01 -3.26
N GLU A 86 16.61 3.39 -4.36
CA GLU A 86 15.28 2.77 -4.56
C GLU A 86 15.10 1.62 -3.56
N SER A 87 16.08 0.73 -3.44
CA SER A 87 16.02 -0.42 -2.50
C SER A 87 15.93 0.10 -1.06
N LEU A 88 16.68 1.15 -0.72
CA LEU A 88 16.65 1.71 0.65
C LEU A 88 15.29 2.39 0.90
N MET A 89 14.77 3.12 -0.09
CA MET A 89 13.41 3.74 -0.03
C MET A 89 12.38 2.62 0.22
N VAL A 90 12.47 1.55 -0.56
CA VAL A 90 11.54 0.39 -0.46
C VAL A 90 11.56 -0.12 0.98
N LYS A 91 12.75 -0.40 1.55
CA LYS A 91 12.88 -1.06 2.87
C LYS A 91 12.47 -0.13 4.02
N LEU A 92 12.40 1.19 3.81
CA LEU A 92 11.96 2.14 4.86
C LEU A 92 10.47 2.46 4.67
N GLU A 93 10.12 3.01 3.51
CA GLU A 93 8.79 3.54 3.15
C GLU A 93 7.70 2.45 3.26
N LEU A 94 8.05 1.20 2.95
CA LEU A 94 7.07 0.08 2.87
C LEU A 94 7.17 -0.80 4.12
N SER A 95 8.04 -0.47 5.07
CA SER A 95 8.20 -1.22 6.34
C SER A 95 7.05 -0.88 7.28
N PRO A 96 6.70 -1.76 8.24
CA PRO A 96 5.51 -1.56 9.08
C PRO A 96 5.37 -0.19 9.74
N ASP A 97 6.46 0.39 10.28
CA ASP A 97 6.38 1.65 11.06
C ASP A 97 5.87 2.79 10.16
N TYR A 98 6.10 2.71 8.84
CA TYR A 98 5.73 3.78 7.88
C TYR A 98 4.48 3.36 7.11
N TRP A 99 4.51 2.18 6.47
CA TRP A 99 3.33 1.61 5.78
C TRP A 99 2.08 1.72 6.66
N ASN A 100 2.16 1.26 7.92
CA ASN A 100 0.96 1.17 8.81
C ASN A 100 0.48 2.57 9.22
N ALA A 101 1.32 3.60 9.13
CA ALA A 101 0.92 4.97 9.49
C ALA A 101 -0.21 5.47 8.58
N TRP A 102 -0.22 5.02 7.33
CA TRP A 102 -1.22 5.43 6.31
C TRP A 102 -2.63 5.03 6.75
N SER A 103 -2.76 4.00 7.61
CA SER A 103 -4.05 3.57 8.19
C SER A 103 -4.67 4.70 9.01
N MET A 104 -3.86 5.64 9.53
CA MET A 104 -4.34 6.74 10.40
C MET A 104 -4.44 8.06 9.62
N TYR A 105 -4.25 8.05 8.29
CA TYR A 105 -4.38 9.26 7.44
C TYR A 105 -5.81 9.79 7.48
N PRO A 106 -6.87 8.95 7.28
CA PRO A 106 -8.23 9.47 7.36
C PRO A 106 -8.53 10.13 8.73
N ARG A 107 -8.19 9.44 9.83
CA ARG A 107 -8.37 9.97 11.20
C ARG A 107 -7.63 11.30 11.35
N SER A 108 -6.40 11.38 10.82
N SER A 108 -6.40 11.37 10.84
CA SER A 108 -5.56 12.61 10.90
CA SER A 108 -5.55 12.60 10.88
C SER A 108 -6.26 13.78 10.19
C SER A 108 -6.30 13.76 10.23
N LEU A 109 -6.89 13.53 9.05
CA LEU A 109 -7.64 14.56 8.27
C LEU A 109 -8.82 15.10 9.08
N LEU A 110 -9.52 14.24 9.83
CA LEU A 110 -10.76 14.63 10.56
C LEU A 110 -10.44 15.23 11.94
N GLU A 111 -9.23 15.06 12.48
CA GLU A 111 -8.91 15.48 13.87
C GLU A 111 -8.51 16.97 13.94
N ASN A 112 -7.85 17.53 12.93
CA ASN A 112 -7.55 18.99 12.84
C ASN A 112 -6.81 19.52 14.09
N ASP A 113 -5.97 18.70 14.73
CA ASP A 113 -5.11 19.14 15.87
C ASP A 113 -3.67 19.31 15.37
N GLY A 114 -3.45 19.13 14.06
CA GLY A 114 -2.13 19.23 13.42
C GLY A 114 -1.26 18.01 13.62
N LYS A 115 -1.77 16.94 14.26
N LYS A 115 -1.78 16.95 14.26
CA LYS A 115 -1.01 15.70 14.52
CA LYS A 115 -1.05 15.68 14.52
C LYS A 115 -1.04 14.83 13.27
C LYS A 115 -1.05 14.84 13.25
N PRO A 116 0.14 14.45 12.72
CA PRO A 116 0.19 13.62 11.52
C PRO A 116 -0.22 12.17 11.81
N ALA A 117 -0.64 11.46 10.77
CA ALA A 117 -1.00 10.02 10.85
C ALA A 117 0.08 9.26 11.62
N PHE A 118 1.36 9.52 11.32
CA PHE A 118 2.50 8.80 11.94
C PHE A 118 2.48 8.97 13.46
N GLU A 119 2.18 10.19 13.95
CA GLU A 119 2.18 10.50 15.40
C GLU A 119 0.98 9.80 16.05
N ILE A 120 -0.17 9.80 15.39
CA ILE A 120 -1.38 9.09 15.90
C ILE A 120 -1.04 7.61 16.04
N THR A 121 -0.32 7.06 15.05
CA THR A 121 0.08 5.63 14.98
C THR A 121 1.06 5.25 16.09
N HIS A 122 2.06 6.10 16.36
CA HIS A 122 3.23 5.71 17.21
C HIS A 122 3.28 6.49 18.53
N GLY A 123 2.44 7.51 18.71
CA GLY A 123 2.32 8.27 19.96
C GLY A 123 3.49 9.21 20.16
N LYS A 124 4.24 9.45 19.08
CA LYS A 124 5.38 10.39 19.07
C LYS A 124 5.68 10.77 17.62
N SER A 125 6.35 11.91 17.44
CA SER A 125 6.77 12.44 16.13
C SER A 125 7.77 11.49 15.46
N PHE A 126 7.89 11.65 14.13
CA PHE A 126 8.83 10.89 13.28
C PHE A 126 10.24 10.94 13.88
N PHE A 127 10.74 12.12 14.26
CA PHE A 127 12.14 12.27 14.73
C PHE A 127 12.29 11.72 16.16
N GLU A 128 11.26 11.84 17.01
CA GLU A 128 11.23 11.20 18.35
C GLU A 128 11.28 9.69 18.19
N HIS A 129 10.49 9.11 17.27
CA HIS A 129 10.47 7.66 16.99
C HIS A 129 11.85 7.22 16.52
N LEU A 130 12.45 8.01 15.62
CA LEU A 130 13.81 7.74 15.08
C LEU A 130 14.82 7.76 16.24
N ALA A 131 14.70 8.71 17.16
CA ALA A 131 15.58 8.88 18.35
C ALA A 131 15.46 7.68 19.29
N SER A 132 14.24 7.12 19.43
CA SER A 132 13.88 6.03 20.37
C SER A 132 14.46 4.70 19.91
N ASN A 133 14.81 4.57 18.62
CA ASN A 133 15.42 3.33 18.06
C ASN A 133 16.67 3.73 17.26
N LYS A 134 17.86 3.37 17.77
CA LYS A 134 19.18 3.65 17.15
C LYS A 134 19.22 3.04 15.74
N LEU A 135 18.69 1.82 15.56
CA LEU A 135 18.67 1.14 14.22
C LEU A 135 17.80 1.95 13.25
N LEU A 136 16.63 2.43 13.69
CA LEU A 136 15.66 3.15 12.83
C LEU A 136 16.25 4.52 12.45
N LYS A 137 16.99 5.15 13.36
CA LYS A 137 17.75 6.40 13.10
C LYS A 137 18.78 6.14 11.99
N SER A 138 19.45 4.98 12.04
CA SER A 138 20.58 4.59 11.16
C SER A 138 20.08 4.22 9.75
N ASN A 139 18.94 3.55 9.63
CA ASN A 139 18.37 3.14 8.32
C ASN A 139 18.00 4.38 7.50
N PHE A 140 17.31 5.31 8.15
CA PHE A 140 16.95 6.64 7.57
C PHE A 140 18.23 7.32 7.08
N ASP A 141 19.33 7.16 7.82
CA ASP A 141 20.66 7.78 7.53
C ASP A 141 21.24 7.22 6.22
N SER A 142 21.23 5.89 6.05
CA SER A 142 21.65 5.21 4.80
C SER A 142 20.89 5.81 3.61
N LEU A 143 19.57 5.95 3.73
CA LEU A 143 18.71 6.52 2.66
C LEU A 143 19.12 7.98 2.38
N MET A 144 19.13 8.84 3.41
CA MET A 144 19.50 10.26 3.25
C MET A 144 20.88 10.37 2.58
N SER A 145 21.83 9.53 3.00
N SER A 145 21.83 9.53 3.00
CA SER A 145 23.22 9.47 2.47
CA SER A 145 23.22 9.47 2.47
C SER A 145 23.21 9.16 0.97
C SER A 145 23.21 9.16 0.97
N LYS A 146 22.36 8.22 0.53
CA LYS A 146 22.26 7.84 -0.91
C LYS A 146 21.62 9.00 -1.71
N VAL A 147 20.65 9.71 -1.11
CA VAL A 147 19.98 10.89 -1.76
C VAL A 147 21.01 12.00 -1.92
N SER A 148 21.85 12.22 -0.90
CA SER A 148 22.95 13.23 -0.94
C SER A 148 23.94 12.83 -2.04
N ASP A 149 24.37 11.55 -2.06
CA ASP A 149 25.27 10.98 -3.10
C ASP A 149 24.63 11.14 -4.50
N LYS A 150 23.30 11.12 -4.57
CA LYS A 150 22.52 11.16 -5.84
C LYS A 150 22.58 12.55 -6.48
N ILE A 151 22.57 13.63 -5.69
CA ILE A 151 22.39 15.02 -6.20
C ILE A 151 23.66 15.85 -6.01
N ILE A 152 24.64 15.39 -5.22
CA ILE A 152 25.86 16.20 -4.91
C ILE A 152 26.56 16.57 -6.22
N GLU A 153 26.69 15.63 -7.16
CA GLU A 153 27.37 15.89 -8.46
C GLU A 153 26.68 17.07 -9.17
N LYS A 154 25.35 17.05 -9.24
CA LYS A 154 24.57 18.11 -9.94
C LYS A 154 24.69 19.43 -9.17
N LEU A 155 24.63 19.41 -7.84
CA LEU A 155 24.84 20.60 -6.97
C LEU A 155 26.17 21.25 -7.32
N LEU A 156 27.25 20.45 -7.30
CA LEU A 156 28.63 20.95 -7.54
C LEU A 156 28.77 21.42 -8.99
N ASP A 157 27.94 20.93 -9.92
CA ASP A 157 27.99 21.33 -11.35
C ASP A 157 27.43 22.75 -11.55
N ILE A 158 26.49 23.20 -10.71
CA ILE A 158 25.70 24.45 -11.01
C ILE A 158 25.89 25.51 -9.93
N TYR A 159 26.35 25.18 -8.72
CA TYR A 159 26.50 26.14 -7.61
C TYR A 159 27.95 26.18 -7.14
N ASP A 160 28.48 27.38 -6.95
CA ASP A 160 29.87 27.59 -6.46
C ASP A 160 29.83 27.72 -4.94
N PHE A 161 30.08 26.61 -4.24
CA PHE A 161 30.25 26.56 -2.76
C PHE A 161 31.62 27.11 -2.37
N GLY A 162 32.55 27.19 -3.34
CA GLY A 162 33.91 27.72 -3.18
C GLY A 162 33.95 29.17 -2.73
N GLN A 163 32.88 29.94 -2.97
CA GLN A 163 32.82 31.40 -2.66
C GLN A 163 32.58 31.62 -1.16
N TYR A 164 32.24 30.58 -0.40
CA TYR A 164 31.96 30.61 1.06
C TYR A 164 33.09 29.90 1.81
N ASN A 165 33.53 30.44 2.95
N ASN A 165 33.53 30.47 2.94
CA ASN A 165 34.68 29.90 3.73
CA ASN A 165 34.68 29.99 3.75
C ASN A 165 34.20 29.10 4.94
C ASN A 165 34.18 29.11 4.92
N ARG A 166 33.03 29.46 5.50
CA ARG A 166 32.47 28.78 6.70
C ARG A 166 31.04 28.34 6.36
N ILE A 167 30.82 27.03 6.32
CA ILE A 167 29.55 26.43 5.81
C ILE A 167 28.93 25.57 6.92
N LEU A 168 27.70 25.89 7.33
CA LEU A 168 26.93 25.11 8.33
C LEU A 168 25.76 24.42 7.63
N ASP A 169 25.70 23.10 7.74
CA ASP A 169 24.56 22.28 7.23
C ASP A 169 23.57 22.11 8.38
N ILE A 170 22.45 22.84 8.34
CA ILE A 170 21.42 22.87 9.42
C ILE A 170 20.52 21.65 9.24
N GLY A 171 20.45 20.77 10.24
CA GLY A 171 19.75 19.47 10.14
C GLY A 171 20.46 18.57 9.15
N GLY A 172 21.79 18.59 9.14
CA GLY A 172 22.60 17.83 8.16
C GLY A 172 22.79 16.37 8.55
N GLY A 173 22.26 15.94 9.70
CA GLY A 173 22.28 14.53 10.13
C GLY A 173 23.69 13.99 10.23
N GLU A 174 24.01 12.92 9.50
CA GLU A 174 25.34 12.24 9.54
C GLU A 174 26.38 13.01 8.72
N GLY A 175 25.97 14.07 8.02
CA GLY A 175 26.90 15.02 7.38
C GLY A 175 27.33 14.58 6.00
N SER A 176 26.64 13.63 5.37
CA SER A 176 27.06 13.03 4.07
C SER A 176 27.20 14.11 2.99
N LEU A 177 26.33 15.14 2.98
CA LEU A 177 26.38 16.21 1.95
C LEU A 177 27.73 16.94 2.04
N LEU A 178 28.15 17.32 3.24
CA LEU A 178 29.39 18.13 3.45
C LEU A 178 30.61 17.22 3.27
N VAL A 179 30.53 15.95 3.68
CA VAL A 179 31.63 14.96 3.47
C VAL A 179 31.92 14.89 1.96
N LYS A 180 30.88 14.68 1.15
CA LYS A 180 31.01 14.58 -0.34
C LYS A 180 31.45 15.94 -0.89
N MET A 181 30.90 17.04 -0.37
CA MET A 181 31.25 18.42 -0.81
C MET A 181 32.74 18.66 -0.56
N SER A 182 33.24 18.22 0.60
CA SER A 182 34.63 18.48 1.07
C SER A 182 35.66 17.76 0.20
N GLU A 183 35.25 16.75 -0.57
CA GLU A 183 36.16 16.03 -1.51
C GLU A 183 36.53 16.93 -2.69
N LYS A 184 35.66 17.87 -3.07
CA LYS A 184 35.82 18.72 -4.28
C LYS A 184 36.10 20.17 -3.88
N VAL A 185 35.44 20.66 -2.83
CA VAL A 185 35.54 22.07 -2.32
C VAL A 185 36.40 22.05 -1.06
N LYS A 186 37.71 22.25 -1.20
CA LYS A 186 38.69 22.08 -0.10
C LYS A 186 38.98 23.43 0.55
N GLY A 187 39.55 23.41 1.75
CA GLY A 187 40.03 24.59 2.49
C GLY A 187 38.90 25.34 3.20
N LYS A 188 37.75 24.69 3.37
CA LYS A 188 36.55 25.30 4.02
C LYS A 188 36.44 24.84 5.47
N HIS A 189 35.75 25.63 6.29
CA HIS A 189 35.31 25.28 7.67
C HIS A 189 33.91 24.68 7.55
N TYR A 190 33.80 23.37 7.64
CA TYR A 190 32.52 22.62 7.50
C TYR A 190 31.97 22.31 8.89
N ALA A 191 30.66 22.47 9.08
CA ALA A 191 29.96 22.19 10.34
C ALA A 191 28.57 21.62 10.02
N VAL A 192 28.08 20.77 10.92
CA VAL A 192 26.75 20.12 10.80
C VAL A 192 26.03 20.29 12.14
N LEU A 193 24.81 20.84 12.11
CA LEU A 193 23.95 20.98 13.31
C LEU A 193 22.79 20.00 13.19
N ASP A 194 22.57 19.22 14.23
CA ASP A 194 21.44 18.26 14.29
C ASP A 194 21.22 17.86 15.75
N ARG A 195 20.26 16.97 16.01
CA ARG A 195 20.01 16.39 17.35
C ARG A 195 20.74 15.05 17.42
N TYR A 196 21.82 14.96 18.20
CA TYR A 196 22.69 13.76 18.30
C TYR A 196 22.58 13.15 19.70
N ASP A 197 22.58 11.82 19.78
CA ASP A 197 22.79 11.07 21.05
C ASP A 197 24.29 11.05 21.31
N GLU A 198 25.05 10.44 20.39
CA GLU A 198 26.52 10.51 20.30
C GLU A 198 26.88 11.41 19.12
N ILE A 199 27.58 12.52 19.37
CA ILE A 199 28.05 13.47 18.32
C ILE A 199 28.93 12.69 17.35
N PRO A 200 28.58 12.66 16.05
CA PRO A 200 29.44 12.03 15.04
C PRO A 200 30.85 12.61 15.11
N VAL A 201 31.85 11.74 14.98
CA VAL A 201 33.28 12.13 14.82
C VAL A 201 33.67 11.81 13.38
N LEU A 202 34.13 12.81 12.62
CA LEU A 202 34.53 12.62 11.21
C LEU A 202 35.52 13.72 10.79
N GLU A 203 36.82 13.42 10.96
CA GLU A 203 37.93 14.33 10.61
C GLU A 203 37.71 15.67 11.33
N ASN A 204 37.78 16.79 10.61
CA ASN A 204 37.67 18.15 11.19
C ASN A 204 36.34 18.80 10.77
N ILE A 205 35.34 18.00 10.39
CA ILE A 205 33.94 18.50 10.32
C ILE A 205 33.45 18.74 11.76
N ASP A 206 32.92 19.93 12.02
CA ASP A 206 32.41 20.33 13.36
C ASP A 206 30.94 19.87 13.49
N PHE A 207 30.71 18.74 14.15
CA PHE A 207 29.35 18.22 14.44
C PHE A 207 28.84 18.87 15.73
N ILE A 208 27.74 19.60 15.63
CA ILE A 208 27.17 20.45 16.72
C ILE A 208 25.83 19.83 17.13
N ASN A 209 25.73 19.38 18.38
CA ASN A 209 24.44 18.93 18.96
C ASN A 209 23.62 20.18 19.28
N GLY A 210 22.50 20.39 18.61
CA GLY A 210 21.68 21.61 18.77
C GLY A 210 20.24 21.41 18.39
N ASP A 211 19.51 22.52 18.29
CA ASP A 211 18.04 22.53 18.03
C ASP A 211 17.72 23.78 17.21
N PHE A 212 17.50 23.62 15.90
CA PHE A 212 17.31 24.75 14.95
C PHE A 212 15.98 25.47 15.22
N LEU A 213 15.10 24.91 16.05
CA LEU A 213 13.85 25.60 16.50
C LEU A 213 14.18 26.62 17.59
N LYS A 214 15.35 26.50 18.24
CA LYS A 214 15.76 27.35 19.39
C LYS A 214 16.81 28.38 18.93
N VAL A 215 17.91 27.93 18.36
CA VAL A 215 19.05 28.83 18.01
C VAL A 215 19.92 28.18 16.93
N ILE A 216 20.41 29.02 16.01
CA ILE A 216 21.42 28.68 14.97
C ILE A 216 22.68 29.48 15.31
N PRO A 217 23.88 28.85 15.35
CA PRO A 217 25.09 29.58 15.71
C PRO A 217 25.49 30.61 14.63
N SER A 218 26.04 31.74 15.08
CA SER A 218 26.55 32.84 14.21
C SER A 218 27.90 32.44 13.62
N GLY A 219 28.37 33.22 12.65
CA GLY A 219 29.76 33.18 12.16
C GLY A 219 29.95 32.27 10.97
N TYR A 220 28.86 31.85 10.31
CA TYR A 220 28.98 31.13 9.02
C TYR A 220 28.58 32.06 7.86
N ASP A 221 29.25 31.81 6.70
CA ASP A 221 29.05 32.55 5.43
C ASP A 221 27.87 31.93 4.67
N LEU A 222 27.70 30.62 4.79
CA LEU A 222 26.61 29.87 4.13
C LEU A 222 25.91 28.96 5.15
N TYR A 223 24.58 29.07 5.23
CA TYR A 223 23.69 28.18 6.02
C TYR A 223 22.89 27.31 5.04
N ILE A 224 23.08 25.99 5.09
CA ILE A 224 22.41 25.04 4.15
C ILE A 224 21.22 24.40 4.86
N LEU A 225 20.06 24.41 4.20
CA LEU A 225 18.85 23.66 4.63
C LEU A 225 18.41 22.70 3.52
N LYS A 226 18.88 21.44 3.58
CA LYS A 226 18.55 20.41 2.56
C LYS A 226 17.48 19.47 3.14
N ASP A 227 16.32 19.43 2.49
CA ASP A 227 15.25 18.45 2.84
C ASP A 227 14.89 18.63 4.32
N VAL A 228 14.90 19.87 4.80
CA VAL A 228 14.49 20.26 6.18
C VAL A 228 13.13 20.96 6.12
N ILE A 229 13.00 22.01 5.33
CA ILE A 229 11.82 22.93 5.39
C ILE A 229 10.53 22.12 5.11
N HIS A 230 10.59 21.13 4.23
CA HIS A 230 9.37 20.35 3.85
C HIS A 230 8.88 19.48 5.02
N ASP A 231 9.66 19.33 6.10
CA ASP A 231 9.25 18.54 7.29
C ASP A 231 8.33 19.35 8.20
N TRP A 232 8.06 20.63 7.89
CA TRP A 232 7.54 21.60 8.89
C TRP A 232 6.31 22.35 8.37
N SER A 233 5.41 22.67 9.29
CA SER A 233 4.31 23.67 9.14
C SER A 233 4.91 24.99 8.65
N ASP A 234 4.06 25.86 8.10
CA ASP A 234 4.45 27.24 7.72
C ASP A 234 5.06 27.94 8.94
N ASN A 235 4.43 27.83 10.11
CA ASN A 235 4.87 28.53 11.35
C ASN A 235 6.26 28.04 11.76
N ASN A 236 6.51 26.73 11.74
CA ASN A 236 7.81 26.13 12.14
C ASN A 236 8.87 26.41 11.07
N ALA A 237 8.50 26.43 9.79
CA ALA A 237 9.41 26.77 8.68
C ALA A 237 9.87 28.22 8.84
N ILE A 238 8.94 29.12 9.16
CA ILE A 238 9.26 30.57 9.40
C ILE A 238 10.20 30.69 10.60
N LEU A 239 9.92 29.94 11.68
CA LEU A 239 10.76 29.89 12.91
C LEU A 239 12.19 29.49 12.55
N ILE A 240 12.38 28.43 11.75
CA ILE A 240 13.73 27.96 11.33
C ILE A 240 14.43 29.07 10.56
N LEU A 241 13.75 29.66 9.57
CA LEU A 241 14.33 30.73 8.70
C LEU A 241 14.63 31.98 9.54
N GLU A 242 13.78 32.28 10.53
CA GLU A 242 13.96 33.46 11.42
C GLU A 242 15.19 33.23 12.29
N ASN A 243 15.42 32.00 12.74
CA ASN A 243 16.59 31.62 13.59
C ASN A 243 17.87 31.74 12.76
N CYS A 244 17.80 31.43 11.46
CA CYS A 244 18.91 31.71 10.50
C CYS A 244 19.17 33.21 10.45
N ARG A 245 18.12 34.01 10.20
CA ARG A 245 18.23 35.49 10.05
C ARG A 245 18.87 36.09 11.31
N LYS A 246 18.51 35.59 12.50
CA LYS A 246 19.02 36.09 13.80
C LYS A 246 20.53 35.81 13.96
N ALA A 247 21.06 34.82 13.23
CA ALA A 247 22.48 34.37 13.33
C ALA A 247 23.35 34.99 12.23
N MET A 248 22.75 35.63 11.23
CA MET A 248 23.44 35.97 9.95
C MET A 248 24.17 37.32 10.05
N ASP A 249 25.47 37.30 9.82
CA ASP A 249 26.30 38.53 9.60
C ASP A 249 25.93 39.10 8.24
N ASN A 250 26.32 40.36 7.98
CA ASN A 250 26.23 40.97 6.63
C ASN A 250 27.04 40.10 5.66
N GLY A 251 26.47 39.81 4.50
CA GLY A 251 27.15 39.08 3.41
C GLY A 251 26.91 37.59 3.47
N SER A 252 26.32 37.07 4.56
CA SER A 252 26.02 35.63 4.71
C SER A 252 24.76 35.27 3.90
N ALA A 253 24.65 34.01 3.52
CA ALA A 253 23.55 33.51 2.66
C ALA A 253 22.94 32.26 3.28
N VAL A 254 21.69 31.98 2.95
CA VAL A 254 21.02 30.68 3.22
C VAL A 254 20.81 30.01 1.87
N LEU A 255 21.12 28.72 1.77
CA LEU A 255 20.81 27.93 0.55
C LEU A 255 19.79 26.86 0.93
N LEU A 256 18.57 27.01 0.44
CA LEU A 256 17.56 25.92 0.52
C LEU A 256 17.85 24.91 -0.60
N ILE A 257 17.97 23.63 -0.27
CA ILE A 257 18.11 22.51 -1.24
C ILE A 257 16.85 21.66 -1.04
N SER A 258 15.87 21.84 -1.91
CA SER A 258 14.50 21.40 -1.63
C SER A 258 13.82 20.95 -2.93
N MET A 259 12.90 19.98 -2.81
N MET A 259 12.90 19.98 -2.81
CA MET A 259 11.91 19.74 -3.87
CA MET A 259 11.90 19.75 -3.86
C MET A 259 11.07 21.02 -3.98
C MET A 259 11.09 21.05 -3.99
N MET A 260 10.62 21.34 -5.20
CA MET A 260 9.72 22.49 -5.44
C MET A 260 8.50 21.98 -6.22
N LYS A 261 7.31 22.31 -5.73
CA LYS A 261 6.03 22.04 -6.43
C LYS A 261 6.05 22.82 -7.75
N LYS A 262 5.67 22.14 -8.84
CA LYS A 262 5.44 22.69 -10.20
C LYS A 262 4.25 21.96 -10.80
N PRO A 263 3.63 22.48 -11.89
CA PRO A 263 2.52 21.79 -12.54
C PRO A 263 2.85 20.34 -12.93
N GLN A 264 2.07 19.39 -12.39
CA GLN A 264 2.15 17.95 -12.75
C GLN A 264 3.59 17.44 -12.54
N SER A 265 4.31 17.99 -11.56
CA SER A 265 5.58 17.40 -11.05
C SER A 265 5.20 16.22 -10.18
N LYS A 266 5.12 15.04 -10.80
CA LYS A 266 4.48 13.83 -10.21
C LYS A 266 5.16 13.48 -8.88
N MET A 267 6.49 13.27 -8.88
CA MET A 267 7.24 12.82 -7.68
C MET A 267 6.96 13.79 -6.51
N VAL A 268 6.92 15.09 -6.77
CA VAL A 268 6.73 16.14 -5.72
C VAL A 268 5.28 16.08 -5.20
N ILE A 269 4.28 15.94 -6.07
CA ILE A 269 2.86 15.86 -5.63
C ILE A 269 2.70 14.62 -4.74
N TYR A 270 3.26 13.48 -5.16
CA TYR A 270 3.25 12.20 -4.40
C TYR A 270 3.91 12.40 -3.03
N PHE A 271 5.05 13.08 -3.01
CA PHE A 271 5.85 13.29 -1.77
C PHE A 271 5.08 14.21 -0.83
N ASP A 272 4.34 15.18 -1.38
CA ASP A 272 3.54 16.15 -0.58
C ASP A 272 2.61 15.37 0.36
N ILE A 273 1.94 14.32 -0.12
CA ILE A 273 1.02 13.54 0.76
C ILE A 273 1.85 12.76 1.80
N LEU A 274 2.98 12.17 1.40
CA LEU A 274 3.87 11.46 2.37
C LEU A 274 4.28 12.42 3.48
N MET A 275 4.60 13.68 3.14
CA MET A 275 5.06 14.66 4.16
C MET A 275 3.92 14.97 5.16
N ASP A 276 2.66 14.98 4.68
N ASP A 276 2.67 14.97 4.68
CA ASP A 276 1.46 15.16 5.55
CA ASP A 276 1.48 15.17 5.55
C ASP A 276 1.40 13.99 6.54
C ASP A 276 1.40 13.99 6.54
N VAL A 277 1.49 12.76 6.02
CA VAL A 277 1.37 11.50 6.81
C VAL A 277 2.48 11.42 7.87
N LEU A 278 3.72 11.79 7.52
CA LEU A 278 4.89 11.58 8.41
C LEU A 278 5.07 12.76 9.37
N PHE A 279 4.84 14.00 8.92
CA PHE A 279 5.38 15.20 9.60
C PHE A 279 4.34 16.30 9.82
N SER A 280 3.19 16.24 9.15
CA SER A 280 2.32 17.43 8.93
C SER A 280 3.19 18.50 8.25
N GLY A 281 4.11 18.04 7.39
CA GLY A 281 4.92 18.89 6.49
C GLY A 281 4.20 19.05 5.17
N LYS A 282 4.88 19.60 4.17
N LYS A 282 4.89 19.59 4.17
CA LYS A 282 4.32 19.83 2.81
CA LYS A 282 4.33 19.80 2.80
C LYS A 282 5.45 20.20 1.85
C LYS A 282 5.46 20.19 1.85
N GLU A 283 5.25 19.93 0.56
CA GLU A 283 6.08 20.49 -0.54
C GLU A 283 5.43 21.82 -0.95
N ARG A 284 6.24 22.75 -1.44
CA ARG A 284 5.84 24.18 -1.61
C ARG A 284 6.21 24.67 -3.01
N TYR A 285 5.37 25.55 -3.55
CA TYR A 285 5.65 26.38 -4.75
C TYR A 285 6.71 27.43 -4.39
N LEU A 286 7.42 27.92 -5.40
CA LEU A 286 8.39 29.04 -5.24
C LEU A 286 7.72 30.21 -4.52
N THR A 287 6.48 30.57 -4.88
CA THR A 287 5.73 31.69 -4.25
C THR A 287 5.60 31.45 -2.73
N GLU A 288 5.39 30.19 -2.32
CA GLU A 288 5.25 29.83 -0.89
C GLU A 288 6.59 30.01 -0.17
N PHE A 289 7.69 29.58 -0.80
CA PHE A 289 9.08 29.77 -0.28
C PHE A 289 9.37 31.26 -0.11
N GLU A 290 8.94 32.08 -1.08
CA GLU A 290 9.14 33.55 -1.04
C GLU A 290 8.43 34.13 0.19
N ARG A 291 7.18 33.74 0.44
CA ARG A 291 6.39 34.26 1.59
C ARG A 291 7.08 33.88 2.91
N LEU A 292 7.55 32.63 3.05
CA LEU A 292 8.23 32.13 4.27
C LEU A 292 9.48 32.98 4.52
N ALA A 293 10.28 33.19 3.47
CA ALA A 293 11.53 33.97 3.52
C ALA A 293 11.22 35.41 3.96
N ASN A 294 10.21 36.04 3.34
CA ASN A 294 9.84 37.46 3.61
C ASN A 294 9.40 37.60 5.07
N GLN A 295 8.66 36.64 5.59
CA GLN A 295 8.19 36.62 7.00
C GLN A 295 9.37 36.47 7.96
N ALA A 296 10.47 35.85 7.51
CA ALA A 296 11.67 35.55 8.32
C ALA A 296 12.70 36.69 8.23
N GLY A 297 12.45 37.68 7.37
CA GLY A 297 13.39 38.81 7.14
C GLY A 297 14.48 38.47 6.13
N LEU A 298 14.17 37.61 5.16
CA LEU A 298 15.10 37.17 4.09
C LEU A 298 14.46 37.46 2.73
N VAL A 299 15.29 37.57 1.68
CA VAL A 299 14.82 37.78 0.28
C VAL A 299 15.48 36.71 -0.59
N ILE A 300 14.78 36.26 -1.63
CA ILE A 300 15.31 35.29 -2.63
C ILE A 300 16.28 36.07 -3.53
N GLN A 301 17.51 35.57 -3.67
CA GLN A 301 18.59 36.19 -4.49
C GLN A 301 18.82 35.39 -5.77
N ASP A 302 18.55 34.07 -5.74
CA ASP A 302 18.82 33.19 -6.90
C ASP A 302 18.02 31.88 -6.76
N VAL A 303 17.51 31.38 -7.89
CA VAL A 303 16.78 30.08 -7.99
C VAL A 303 17.35 29.31 -9.18
N LYS A 304 17.83 28.09 -8.95
CA LYS A 304 18.37 27.19 -10.00
C LYS A 304 17.78 25.79 -9.83
N ASP A 305 17.42 25.15 -10.94
CA ASP A 305 16.89 23.75 -10.92
C ASP A 305 18.08 22.79 -10.94
N ILE A 306 18.13 21.85 -9.99
CA ILE A 306 19.15 20.75 -9.90
C ILE A 306 18.72 19.63 -10.85
N ASP A 307 17.45 19.23 -10.77
CA ASP A 307 16.84 18.24 -11.67
C ASP A 307 15.35 18.58 -11.79
N GLU A 308 14.51 17.65 -12.25
CA GLU A 308 13.07 17.92 -12.50
C GLU A 308 12.33 18.12 -11.16
N SER A 309 12.86 17.58 -10.06
CA SER A 309 12.24 17.63 -8.70
C SER A 309 12.90 18.69 -7.80
N TYR A 310 14.24 18.72 -7.75
CA TYR A 310 15.03 19.51 -6.75
C TYR A 310 15.45 20.86 -7.34
N SER A 311 15.37 21.90 -6.51
CA SER A 311 15.91 23.26 -6.82
C SER A 311 16.78 23.75 -5.67
N ILE A 312 17.58 24.77 -5.94
CA ILE A 312 18.29 25.54 -4.89
C ILE A 312 17.72 26.96 -4.89
N ILE A 313 17.47 27.49 -3.70
CA ILE A 313 16.98 28.88 -3.46
C ILE A 313 18.00 29.52 -2.53
N GLN A 314 18.72 30.52 -3.03
CA GLN A 314 19.67 31.33 -2.23
C GLN A 314 18.91 32.50 -1.61
N LEU A 315 19.07 32.69 -0.30
N LEU A 315 19.03 32.67 -0.29
CA LEU A 315 18.39 33.76 0.50
CA LEU A 315 18.40 33.78 0.47
C LEU A 315 19.47 34.68 1.09
C LEU A 315 19.50 34.69 1.02
N GLY A 316 19.22 35.99 1.10
CA GLY A 316 20.05 36.99 1.78
C GLY A 316 19.20 37.87 2.68
N ILE A 317 19.83 38.75 3.45
CA ILE A 317 19.14 39.65 4.43
C ILE A 317 18.25 40.63 3.67
N LYS A 318 17.04 40.84 4.22
CA LYS A 318 15.96 41.72 3.69
C LYS A 318 16.19 43.15 4.18
N SER B 1 10.04 7.84 -13.22
CA SER B 1 10.48 6.52 -13.78
C SER B 1 9.39 5.46 -13.53
N MET B 2 9.42 4.39 -14.32
CA MET B 2 8.52 3.21 -14.16
C MET B 2 8.69 2.67 -12.73
N LEU B 3 9.93 2.46 -12.28
CA LEU B 3 10.23 1.83 -10.97
C LEU B 3 9.70 2.71 -9.83
N ALA B 4 9.95 4.01 -9.88
CA ALA B 4 9.50 4.98 -8.85
C ALA B 4 7.97 4.91 -8.71
N GLU B 5 7.26 4.88 -9.85
CA GLU B 5 5.79 4.85 -9.92
C GLU B 5 5.26 3.54 -9.30
N LEU B 6 5.93 2.43 -9.58
CA LEU B 6 5.55 1.11 -8.98
C LEU B 6 5.76 1.16 -7.47
N ILE B 7 6.88 1.69 -7.00
CA ILE B 7 7.20 1.72 -5.54
C ILE B 7 6.13 2.54 -4.80
N THR B 8 5.70 3.68 -5.36
CA THR B 8 4.81 4.66 -4.67
C THR B 8 3.34 4.39 -4.98
N SER B 9 3.03 3.32 -5.72
CA SER B 9 1.65 2.90 -6.11
C SER B 9 0.70 2.96 -4.90
N TYR B 10 1.14 2.44 -3.75
CA TYR B 10 0.33 2.29 -2.52
C TYR B 10 -0.28 3.62 -2.10
N ARG B 11 0.40 4.75 -2.37
CA ARG B 11 -0.13 6.09 -1.99
C ARG B 11 -1.44 6.38 -2.72
N LYS B 12 -1.60 5.88 -3.95
CA LYS B 12 -2.84 6.04 -4.75
C LYS B 12 -3.99 5.34 -4.03
N SER B 13 -3.77 4.10 -3.59
CA SER B 13 -4.81 3.30 -2.89
C SER B 13 -5.18 3.98 -1.58
N ALA B 14 -4.18 4.44 -0.82
CA ALA B 14 -4.40 5.09 0.49
C ALA B 14 -5.22 6.38 0.31
N ALA B 15 -4.92 7.18 -0.72
CA ALA B 15 -5.63 8.45 -1.01
C ALA B 15 -7.11 8.18 -1.34
N ILE B 16 -7.39 7.11 -2.09
CA ILE B 16 -8.77 6.71 -2.48
C ILE B 16 -9.52 6.26 -1.21
N TYR B 17 -8.88 5.47 -0.35
CA TYR B 17 -9.47 5.07 0.96
C TYR B 17 -9.83 6.32 1.78
N ALA B 18 -8.92 7.30 1.88
CA ALA B 18 -9.20 8.55 2.63
C ALA B 18 -10.42 9.25 2.02
N PHE B 19 -10.49 9.32 0.69
CA PHE B 19 -11.57 10.02 -0.06
C PHE B 19 -12.92 9.41 0.34
N VAL B 20 -12.99 8.09 0.49
CA VAL B 20 -14.26 7.36 0.84
C VAL B 20 -14.45 7.40 2.36
N ASP B 21 -13.43 7.00 3.12
CA ASP B 21 -13.54 6.75 4.57
C ASP B 21 -13.89 8.05 5.33
N THR B 22 -13.39 9.21 4.87
CA THR B 22 -13.64 10.51 5.53
C THR B 22 -15.03 11.07 5.20
N GLY B 23 -15.74 10.49 4.22
CA GLY B 23 -17.05 10.97 3.79
C GLY B 23 -16.99 11.98 2.66
N LEU B 24 -15.80 12.29 2.13
CA LEU B 24 -15.68 13.27 1.02
C LEU B 24 -16.47 12.79 -0.21
N SER B 25 -16.42 11.48 -0.49
CA SER B 25 -16.98 10.87 -1.73
C SER B 25 -18.49 11.15 -1.84
N ILE B 26 -19.20 11.23 -0.71
CA ILE B 26 -20.68 11.44 -0.65
C ILE B 26 -21.03 12.73 -1.42
N HIS B 27 -20.16 13.74 -1.40
CA HIS B 27 -20.46 15.08 -1.95
C HIS B 27 -20.29 15.11 -3.48
N PHE B 28 -19.83 14.01 -4.09
CA PHE B 28 -19.47 13.95 -5.54
C PHE B 28 -20.52 13.14 -6.32
N ARG B 29 -21.65 12.81 -5.69
CA ARG B 29 -22.79 12.11 -6.36
C ARG B 29 -23.23 12.89 -7.60
N ASN B 30 -23.63 12.17 -8.66
CA ASN B 30 -24.38 12.71 -9.83
C ASN B 30 -23.53 13.77 -10.56
N GLY B 31 -22.21 13.59 -10.60
CA GLY B 31 -21.27 14.46 -11.33
C GLY B 31 -21.26 15.90 -10.80
N ALA B 32 -21.62 16.09 -9.53
CA ALA B 32 -21.69 17.41 -8.87
C ALA B 32 -20.33 18.11 -8.97
N TYR B 33 -20.33 19.42 -9.23
CA TYR B 33 -19.14 20.30 -9.13
C TYR B 33 -19.05 20.76 -7.67
N VAL B 34 -17.91 20.46 -7.03
CA VAL B 34 -17.72 20.65 -5.56
C VAL B 34 -16.70 21.78 -5.33
N ASP B 35 -17.06 22.75 -4.50
CA ASP B 35 -16.17 23.83 -4.02
C ASP B 35 -15.35 23.28 -2.84
N ILE B 36 -14.01 23.25 -2.96
CA ILE B 36 -13.10 22.62 -1.97
C ILE B 36 -13.22 23.39 -0.64
N ASP B 37 -13.36 24.71 -0.70
CA ASP B 37 -13.59 25.55 0.50
C ASP B 37 -14.83 25.04 1.24
N GLU B 38 -15.99 24.99 0.57
CA GLU B 38 -17.26 24.52 1.19
C GLU B 38 -17.10 23.06 1.63
N LEU B 39 -16.42 22.23 0.85
CA LEU B 39 -16.23 20.79 1.17
C LEU B 39 -15.44 20.68 2.49
N SER B 40 -14.37 21.47 2.63
CA SER B 40 -13.53 21.51 3.86
C SER B 40 -14.42 21.83 5.07
N ARG B 41 -15.35 22.77 4.93
CA ARG B 41 -16.22 23.24 6.03
C ARG B 41 -17.25 22.15 6.37
N GLN B 42 -17.82 21.51 5.35
CA GLN B 42 -18.85 20.44 5.51
C GLN B 42 -18.25 19.24 6.25
N CYS B 43 -17.03 18.83 5.89
CA CYS B 43 -16.42 17.55 6.34
C CYS B 43 -15.50 17.76 7.55
N GLY B 44 -15.23 19.02 7.92
CA GLY B 44 -14.39 19.38 9.08
C GLY B 44 -12.93 18.99 8.86
N ILE B 45 -12.41 19.25 7.65
CA ILE B 45 -11.00 18.96 7.27
C ILE B 45 -10.32 20.30 6.98
N ASP B 46 -9.10 20.48 7.46
CA ASP B 46 -8.27 21.68 7.15
C ASP B 46 -8.30 21.92 5.64
N TYR B 47 -8.64 23.15 5.23
CA TYR B 47 -8.74 23.55 3.80
C TYR B 47 -7.45 23.17 3.05
N SER B 48 -6.28 23.60 3.53
CA SER B 48 -4.99 23.37 2.82
C SER B 48 -4.73 21.87 2.66
N ARG B 49 -4.94 21.08 3.71
CA ARG B 49 -4.68 19.62 3.67
C ARG B 49 -5.68 18.96 2.71
N LEU B 50 -6.93 19.43 2.68
CA LEU B 50 -7.96 18.86 1.75
C LEU B 50 -7.58 19.26 0.32
N ASP B 51 -7.16 20.51 0.11
CA ASP B 51 -6.76 20.99 -1.24
C ASP B 51 -5.59 20.14 -1.76
N ARG B 52 -4.63 19.82 -0.88
CA ARG B 52 -3.44 18.99 -1.25
C ARG B 52 -3.89 17.58 -1.61
N LEU B 53 -4.81 17.00 -0.81
CA LEU B 53 -5.36 15.65 -1.12
C LEU B 53 -6.08 15.70 -2.48
N CYS B 54 -6.88 16.73 -2.73
CA CYS B 54 -7.59 16.93 -4.02
C CYS B 54 -6.57 17.07 -5.16
N ASP B 55 -5.45 17.79 -4.93
CA ASP B 55 -4.41 17.91 -5.98
C ASP B 55 -3.85 16.53 -6.32
N PHE B 56 -3.63 15.68 -5.31
CA PHE B 56 -3.10 14.31 -5.49
C PHE B 56 -4.14 13.47 -6.26
N LEU B 57 -5.42 13.57 -5.88
CA LEU B 57 -6.52 12.81 -6.54
C LEU B 57 -6.67 13.29 -8.00
N ILE B 58 -6.43 14.57 -8.27
CA ILE B 58 -6.43 15.12 -9.66
C ILE B 58 -5.27 14.47 -10.43
N GLU B 59 -4.07 14.47 -9.83
CA GLU B 59 -2.83 13.95 -10.47
C GLU B 59 -3.05 12.50 -10.92
N ILE B 60 -3.70 11.66 -10.11
CA ILE B 60 -3.85 10.20 -10.38
C ILE B 60 -5.15 9.91 -11.15
N GLY B 61 -5.96 10.93 -11.46
CA GLY B 61 -7.11 10.81 -12.39
C GLY B 61 -8.44 10.47 -11.70
N ILE B 62 -8.51 10.54 -10.37
CA ILE B 62 -9.77 10.34 -9.60
C ILE B 62 -10.64 11.59 -9.77
N LEU B 63 -10.08 12.77 -9.53
CA LEU B 63 -10.81 14.06 -9.64
C LEU B 63 -10.37 14.81 -10.90
N VAL B 64 -11.19 15.73 -11.36
CA VAL B 64 -10.89 16.65 -12.48
C VAL B 64 -10.97 18.09 -11.95
N ASN B 65 -9.98 18.91 -12.27
CA ASN B 65 -9.96 20.33 -11.87
C ASN B 65 -10.90 21.13 -12.77
N HIS B 66 -11.67 22.05 -12.17
CA HIS B 66 -12.55 23.04 -12.86
C HIS B 66 -12.36 24.41 -12.20
N GLY B 67 -11.11 24.88 -12.12
CA GLY B 67 -10.77 26.14 -11.45
C GLY B 67 -10.99 26.04 -9.96
N HIS B 68 -12.03 26.71 -9.44
CA HIS B 68 -12.34 26.78 -7.99
C HIS B 68 -13.19 25.58 -7.56
N LYS B 69 -13.58 24.74 -8.51
CA LYS B 69 -14.40 23.53 -8.24
C LYS B 69 -13.65 22.29 -8.74
N VAL B 70 -14.01 21.13 -8.20
CA VAL B 70 -13.53 19.79 -8.65
C VAL B 70 -14.75 18.90 -8.87
N THR B 71 -14.61 17.92 -9.76
CA THR B 71 -15.63 16.90 -10.02
C THR B 71 -14.96 15.53 -9.98
N LEU B 72 -15.73 14.49 -9.67
CA LEU B 72 -15.29 13.08 -9.76
C LEU B 72 -15.24 12.70 -11.23
N SER B 73 -14.10 12.19 -11.70
CA SER B 73 -13.92 11.69 -13.08
C SER B 73 -15.07 10.73 -13.39
N GLU B 74 -15.68 10.83 -14.56
CA GLU B 74 -16.82 9.96 -14.95
C GLU B 74 -16.37 8.49 -14.96
N GLU B 75 -15.09 8.22 -15.24
CA GLU B 75 -14.46 6.87 -15.15
C GLU B 75 -14.51 6.32 -13.72
N CYS B 76 -14.59 7.20 -12.72
CA CYS B 76 -14.46 6.84 -11.28
C CYS B 76 -15.75 7.16 -10.52
N SER B 77 -16.87 7.34 -11.23
CA SER B 77 -18.20 7.69 -10.66
CA SER B 77 -18.18 7.71 -10.64
C SER B 77 -18.59 6.70 -9.56
N ALA B 78 -18.18 5.43 -9.68
CA ALA B 78 -18.50 4.35 -8.73
C ALA B 78 -18.11 4.71 -7.30
N LEU B 79 -17.10 5.57 -7.09
CA LEU B 79 -16.62 5.94 -5.74
C LEU B 79 -17.66 6.78 -4.97
N ALA B 80 -18.63 7.38 -5.67
CA ALA B 80 -19.72 8.18 -5.06
C ALA B 80 -20.95 7.28 -4.82
N ASP B 81 -20.88 6.01 -5.21
CA ASP B 81 -21.97 5.00 -5.05
C ASP B 81 -21.55 3.99 -3.98
N PRO B 82 -22.09 4.07 -2.75
CA PRO B 82 -21.61 3.22 -1.65
C PRO B 82 -21.83 1.71 -1.89
N GLU B 83 -22.76 1.37 -2.78
CA GLU B 83 -23.14 -0.04 -3.07
C GLU B 83 -22.39 -0.54 -4.31
N SER B 84 -21.57 0.29 -4.96
CA SER B 84 -20.74 -0.15 -6.12
C SER B 84 -19.72 -1.18 -5.64
N MET B 85 -19.35 -2.12 -6.49
CA MET B 85 -18.31 -3.14 -6.19
C MET B 85 -17.03 -2.40 -5.74
N GLU B 86 -16.68 -1.33 -6.45
CA GLU B 86 -15.43 -0.57 -6.20
C GLU B 86 -15.47 0.04 -4.79
N SER B 87 -16.57 0.70 -4.40
CA SER B 87 -16.72 1.32 -3.06
C SER B 87 -16.63 0.23 -1.98
N LEU B 88 -17.29 -0.92 -2.19
CA LEU B 88 -17.27 -2.05 -1.22
C LEU B 88 -15.83 -2.60 -1.10
N MET B 89 -15.08 -2.68 -2.21
CA MET B 89 -13.66 -3.13 -2.20
C MET B 89 -12.82 -2.15 -1.38
N VAL B 90 -12.96 -0.85 -1.62
CA VAL B 90 -12.22 0.21 -0.89
C VAL B 90 -12.48 0.05 0.61
N LYS B 91 -13.74 -0.06 1.02
CA LYS B 91 -14.14 -0.07 2.45
C LYS B 91 -13.62 -1.35 3.12
N LEU B 92 -13.45 -2.44 2.37
CA LEU B 92 -12.97 -3.74 2.95
C LEU B 92 -11.45 -3.82 2.88
N GLU B 93 -10.87 -3.96 1.67
CA GLU B 93 -9.46 -4.39 1.51
C GLU B 93 -8.48 -3.26 1.83
N LEU B 94 -8.93 -2.00 1.87
CA LEU B 94 -8.04 -0.87 2.25
C LEU B 94 -8.28 -0.44 3.71
N SER B 95 -9.14 -1.14 4.45
CA SER B 95 -9.35 -0.93 5.90
C SER B 95 -8.05 -1.24 6.65
N PRO B 96 -7.76 -0.59 7.80
CA PRO B 96 -6.52 -0.85 8.53
C PRO B 96 -6.18 -2.32 8.81
N ASP B 97 -7.17 -3.12 9.20
CA ASP B 97 -6.93 -4.56 9.56
C ASP B 97 -6.32 -5.31 8.36
N TYR B 98 -6.77 -5.03 7.12
CA TYR B 98 -6.24 -5.62 5.88
C TYR B 98 -4.89 -4.95 5.54
N TRP B 99 -4.92 -3.62 5.40
CA TRP B 99 -3.76 -2.79 5.00
C TRP B 99 -2.52 -3.19 5.81
N ASN B 100 -2.65 -3.22 7.14
CA ASN B 100 -1.50 -3.41 8.06
C ASN B 100 -0.92 -4.83 7.91
N ALA B 101 -1.68 -5.81 7.43
CA ALA B 101 -1.18 -7.19 7.24
C ALA B 101 -0.06 -7.22 6.18
N TRP B 102 -0.13 -6.37 5.16
CA TRP B 102 0.75 -6.43 3.97
C TRP B 102 2.21 -6.16 4.35
N SER B 103 2.47 -5.33 5.37
CA SER B 103 3.85 -4.99 5.76
C SER B 103 4.51 -6.19 6.47
N MET B 104 3.75 -7.24 6.82
CA MET B 104 4.28 -8.51 7.39
C MET B 104 4.39 -9.62 6.34
N TYR B 105 4.15 -9.32 5.06
CA TYR B 105 4.23 -10.33 3.96
C TYR B 105 5.66 -10.85 3.84
N PRO B 106 6.71 -9.99 3.81
CA PRO B 106 8.08 -10.51 3.71
C PRO B 106 8.44 -11.46 4.86
N ARG B 107 8.11 -11.07 6.09
CA ARG B 107 8.34 -11.90 7.30
C ARG B 107 7.62 -13.25 7.16
N SER B 108 6.38 -13.25 6.66
CA SER B 108 5.58 -14.49 6.47
CA SER B 108 5.57 -14.48 6.46
C SER B 108 6.28 -15.42 5.47
N LEU B 109 6.88 -14.85 4.42
CA LEU B 109 7.56 -15.62 3.33
C LEU B 109 8.78 -16.36 3.87
N LEU B 110 9.52 -15.75 4.80
CA LEU B 110 10.76 -16.33 5.37
C LEU B 110 10.43 -17.27 6.54
N GLU B 111 9.25 -17.14 7.14
CA GLU B 111 8.87 -17.91 8.37
C GLU B 111 8.69 -19.39 8.04
N ASN B 112 8.02 -19.72 6.92
CA ASN B 112 7.73 -21.13 6.50
C ASN B 112 7.05 -21.90 7.63
N ASP B 113 6.23 -21.19 8.43
CA ASP B 113 5.47 -21.72 9.59
C ASP B 113 4.05 -22.07 9.12
N GLY B 114 3.67 -21.58 7.93
CA GLY B 114 2.29 -21.66 7.40
C GLY B 114 1.46 -20.47 7.85
N LYS B 115 1.98 -19.64 8.77
CA LYS B 115 1.25 -18.50 9.36
C LYS B 115 1.21 -17.36 8.34
N PRO B 116 0.00 -16.91 7.93
CA PRO B 116 -0.12 -15.80 7.00
C PRO B 116 0.22 -14.44 7.65
N ALA B 117 0.59 -13.47 6.82
CA ALA B 117 0.93 -12.09 7.23
C ALA B 117 -0.15 -11.54 8.17
N PHE B 118 -1.43 -11.83 7.88
CA PHE B 118 -2.56 -11.29 8.68
C PHE B 118 -2.48 -11.81 10.11
N GLU B 119 -2.13 -13.10 10.27
CA GLU B 119 -2.06 -13.77 11.60
C GLU B 119 -0.86 -13.22 12.38
N ILE B 120 0.26 -12.99 11.70
CA ILE B 120 1.48 -12.38 12.33
C ILE B 120 1.07 -10.99 12.87
N THR B 121 0.26 -10.25 12.12
CA THR B 121 -0.13 -8.85 12.45
C THR B 121 -1.11 -8.82 13.62
N HIS B 122 -2.12 -9.71 13.62
CA HIS B 122 -3.30 -9.65 14.52
C HIS B 122 -3.28 -10.73 15.60
N GLY B 123 -2.43 -11.76 15.47
CA GLY B 123 -2.28 -12.84 16.47
C GLY B 123 -3.46 -13.79 16.43
N LYS B 124 -4.23 -13.76 15.35
CA LYS B 124 -5.34 -14.73 15.13
C LYS B 124 -5.67 -14.78 13.63
N SER B 125 -6.40 -15.81 13.22
CA SER B 125 -6.79 -16.04 11.82
C SER B 125 -7.74 -14.94 11.35
N PHE B 126 -7.90 -14.81 10.03
CA PHE B 126 -8.80 -13.84 9.37
C PHE B 126 -10.24 -14.01 9.89
N PHE B 127 -10.78 -15.23 9.90
CA PHE B 127 -12.20 -15.46 10.27
C PHE B 127 -12.38 -15.32 11.79
N GLU B 128 -11.38 -15.68 12.59
CA GLU B 128 -11.40 -15.45 14.07
C GLU B 128 -11.50 -13.94 14.31
N HIS B 129 -10.70 -13.17 13.59
CA HIS B 129 -10.67 -11.68 13.71
C HIS B 129 -12.00 -11.10 13.19
N LEU B 130 -12.49 -11.62 12.05
CA LEU B 130 -13.73 -11.10 11.41
C LEU B 130 -14.92 -11.27 12.37
N ALA B 131 -14.98 -12.41 13.07
CA ALA B 131 -16.04 -12.74 14.05
C ALA B 131 -16.00 -11.75 15.22
N SER B 132 -14.84 -11.15 15.51
CA SER B 132 -14.61 -10.24 16.67
CA SER B 132 -14.61 -10.25 16.68
C SER B 132 -14.77 -8.77 16.27
N ASN B 133 -14.86 -8.46 14.97
CA ASN B 133 -14.92 -7.06 14.47
C ASN B 133 -16.21 -6.83 13.68
N LYS B 134 -17.17 -6.14 14.30
CA LYS B 134 -18.55 -5.91 13.77
C LYS B 134 -18.47 -5.18 12.42
N LEU B 135 -17.70 -4.10 12.35
CA LEU B 135 -17.67 -3.21 11.15
C LEU B 135 -17.00 -3.94 9.96
N LEU B 136 -15.91 -4.67 10.22
CA LEU B 136 -15.18 -5.44 9.18
C LEU B 136 -16.12 -6.54 8.65
N LYS B 137 -16.76 -7.30 9.54
CA LYS B 137 -17.71 -8.37 9.14
C LYS B 137 -18.81 -7.77 8.27
N SER B 138 -19.37 -6.62 8.66
CA SER B 138 -20.42 -5.89 7.91
C SER B 138 -19.92 -5.54 6.50
N ASN B 139 -18.71 -5.00 6.38
CA ASN B 139 -18.09 -4.63 5.08
C ASN B 139 -17.83 -5.89 4.25
N PHE B 140 -17.36 -6.97 4.89
CA PHE B 140 -17.11 -8.29 4.25
C PHE B 140 -18.43 -8.84 3.68
N ASP B 141 -19.47 -8.92 4.53
CA ASP B 141 -20.80 -9.45 4.16
C ASP B 141 -21.39 -8.64 2.99
N SER B 142 -21.25 -7.31 3.02
CA SER B 142 -21.79 -6.41 1.96
C SER B 142 -21.12 -6.74 0.63
N LEU B 143 -19.80 -6.98 0.62
CA LEU B 143 -19.06 -7.33 -0.62
C LEU B 143 -19.51 -8.71 -1.10
N MET B 144 -19.61 -9.69 -0.20
CA MET B 144 -20.01 -11.09 -0.54
C MET B 144 -21.39 -11.04 -1.22
N SER B 145 -22.33 -10.29 -0.65
N SER B 145 -22.33 -10.28 -0.65
CA SER B 145 -23.71 -10.07 -1.16
CA SER B 145 -23.71 -10.08 -1.16
C SER B 145 -23.67 -9.47 -2.58
C SER B 145 -23.67 -9.47 -2.58
N LYS B 146 -22.78 -8.50 -2.80
CA LYS B 146 -22.62 -7.83 -4.12
C LYS B 146 -22.12 -8.85 -5.16
N VAL B 147 -21.17 -9.70 -4.78
CA VAL B 147 -20.61 -10.77 -5.67
C VAL B 147 -21.72 -11.75 -6.04
N SER B 148 -22.53 -12.16 -5.07
CA SER B 148 -23.73 -13.01 -5.29
C SER B 148 -24.64 -12.37 -6.34
N ASP B 149 -24.94 -11.07 -6.20
CA ASP B 149 -25.77 -10.28 -7.14
C ASP B 149 -25.16 -10.30 -8.54
N LYS B 150 -23.83 -10.16 -8.64
N LYS B 150 -23.83 -10.16 -8.65
CA LYS B 150 -23.08 -10.02 -9.92
CA LYS B 150 -23.09 -10.01 -9.94
C LYS B 150 -23.13 -11.31 -10.74
C LYS B 150 -23.16 -11.32 -10.75
N ILE B 151 -23.01 -12.48 -10.09
CA ILE B 151 -22.81 -13.80 -10.78
C ILE B 151 -24.12 -14.60 -10.90
N ILE B 152 -25.13 -14.32 -10.08
CA ILE B 152 -26.29 -15.25 -9.90
C ILE B 152 -26.96 -15.54 -11.25
N GLU B 153 -27.15 -14.54 -12.11
CA GLU B 153 -27.95 -14.71 -13.35
C GLU B 153 -27.21 -15.64 -14.32
N LYS B 154 -25.92 -15.38 -14.54
CA LYS B 154 -25.03 -16.20 -15.41
C LYS B 154 -24.93 -17.62 -14.83
N LEU B 155 -24.85 -17.75 -13.50
CA LEU B 155 -24.76 -19.06 -12.80
C LEU B 155 -26.00 -19.91 -13.09
N LEU B 156 -27.19 -19.33 -12.91
CA LEU B 156 -28.48 -20.05 -13.13
C LEU B 156 -28.63 -20.41 -14.61
N ASP B 157 -28.02 -19.65 -15.53
CA ASP B 157 -28.09 -19.87 -17.00
C ASP B 157 -27.23 -21.07 -17.41
N ILE B 158 -26.05 -21.25 -16.83
CA ILE B 158 -25.03 -22.24 -17.29
C ILE B 158 -25.13 -23.56 -16.49
N TYR B 159 -25.91 -23.57 -15.39
CA TYR B 159 -26.04 -24.75 -14.50
C TYR B 159 -27.50 -24.95 -14.10
N ASP B 160 -27.98 -26.19 -14.23
CA ASP B 160 -29.37 -26.59 -13.89
C ASP B 160 -29.46 -26.94 -12.41
N PHE B 161 -29.82 -25.97 -11.57
CA PHE B 161 -30.02 -26.14 -10.10
C PHE B 161 -31.40 -26.76 -9.83
N GLY B 162 -32.31 -26.67 -10.80
CA GLY B 162 -33.68 -27.23 -10.73
C GLY B 162 -33.69 -28.74 -10.55
N GLN B 163 -32.63 -29.44 -10.99
CA GLN B 163 -32.55 -30.92 -10.97
C GLN B 163 -32.28 -31.45 -9.55
N TYR B 164 -31.82 -30.58 -8.64
CA TYR B 164 -31.48 -30.91 -7.23
C TYR B 164 -32.62 -30.47 -6.31
N ASN B 165 -33.05 -31.34 -5.39
CA ASN B 165 -34.17 -31.06 -4.43
C ASN B 165 -33.61 -30.43 -3.15
N ARG B 166 -32.49 -30.96 -2.63
CA ARG B 166 -31.89 -30.55 -1.34
C ARG B 166 -30.47 -29.99 -1.60
N ILE B 167 -30.27 -28.70 -1.37
CA ILE B 167 -29.01 -27.97 -1.68
C ILE B 167 -28.41 -27.40 -0.39
N LEU B 168 -27.18 -27.80 -0.07
CA LEU B 168 -26.40 -27.29 1.09
C LEU B 168 -25.26 -26.40 0.58
N ASP B 169 -25.26 -25.12 0.96
CA ASP B 169 -24.13 -24.18 0.69
C ASP B 169 -23.12 -24.31 1.85
N ILE B 170 -22.00 -25.02 1.61
CA ILE B 170 -20.94 -25.29 2.61
C ILE B 170 -20.08 -24.03 2.73
N GLY B 171 -20.02 -23.43 3.92
CA GLY B 171 -19.35 -22.14 4.15
C GLY B 171 -20.07 -21.02 3.43
N GLY B 172 -21.41 -21.06 3.43
CA GLY B 172 -22.27 -20.10 2.70
C GLY B 172 -22.42 -18.76 3.41
N GLY B 173 -21.85 -18.60 4.60
CA GLY B 173 -21.87 -17.32 5.35
C GLY B 173 -23.28 -16.84 5.62
N GLU B 174 -23.62 -15.62 5.17
CA GLU B 174 -24.93 -14.97 5.42
C GLU B 174 -25.98 -15.51 4.43
N GLY B 175 -25.57 -16.33 3.46
CA GLY B 175 -26.47 -17.12 2.60
C GLY B 175 -27.01 -16.35 1.42
N SER B 176 -26.34 -15.26 1.01
CA SER B 176 -26.81 -14.35 -0.07
C SER B 176 -26.96 -15.11 -1.40
N LEU B 177 -26.07 -16.06 -1.69
CA LEU B 177 -26.12 -16.87 -2.94
C LEU B 177 -27.44 -17.64 -3.00
N LEU B 178 -27.75 -18.41 -1.95
CA LEU B 178 -28.99 -19.24 -1.92
C LEU B 178 -30.23 -18.34 -1.86
N VAL B 179 -30.15 -17.18 -1.19
CA VAL B 179 -31.26 -16.19 -1.17
C VAL B 179 -31.61 -15.83 -2.63
N LYS B 180 -30.62 -15.40 -3.42
CA LYS B 180 -30.82 -14.96 -4.83
C LYS B 180 -31.21 -16.16 -5.71
N MET B 181 -30.72 -17.36 -5.37
CA MET B 181 -31.06 -18.62 -6.10
C MET B 181 -32.52 -19.00 -5.80
N SER B 182 -32.98 -18.81 -4.57
CA SER B 182 -34.36 -19.19 -4.11
C SER B 182 -35.40 -18.25 -4.75
N GLU B 183 -35.00 -17.05 -5.18
CA GLU B 183 -35.89 -16.09 -5.89
C GLU B 183 -36.37 -16.69 -7.22
N LYS B 184 -35.53 -17.47 -7.90
CA LYS B 184 -35.80 -17.97 -9.28
C LYS B 184 -36.00 -19.50 -9.30
N VAL B 185 -35.27 -20.26 -8.47
CA VAL B 185 -35.42 -21.74 -8.35
C VAL B 185 -36.26 -22.05 -7.10
N LYS B 186 -37.52 -22.46 -7.28
CA LYS B 186 -38.53 -22.57 -6.19
C LYS B 186 -38.76 -24.04 -5.79
N GLY B 187 -39.40 -24.22 -4.63
CA GLY B 187 -39.87 -25.53 -4.11
C GLY B 187 -38.72 -26.47 -3.80
N LYS B 188 -37.63 -25.94 -3.23
CA LYS B 188 -36.41 -26.72 -2.86
C LYS B 188 -36.17 -26.61 -1.36
N HIS B 189 -35.36 -27.52 -0.81
CA HIS B 189 -34.82 -27.45 0.57
C HIS B 189 -33.42 -26.83 0.52
N TYR B 190 -33.30 -25.55 0.93
CA TYR B 190 -32.04 -24.78 0.95
C TYR B 190 -31.48 -24.75 2.37
N ALA B 191 -30.20 -25.12 2.53
CA ALA B 191 -29.46 -25.12 3.80
C ALA B 191 -28.10 -24.43 3.61
N VAL B 192 -27.61 -23.76 4.65
CA VAL B 192 -26.27 -23.10 4.68
C VAL B 192 -25.54 -23.62 5.92
N LEU B 193 -24.33 -24.15 5.74
CA LEU B 193 -23.43 -24.56 6.86
C LEU B 193 -22.32 -23.51 7.00
N ASP B 194 -22.13 -22.97 8.22
CA ASP B 194 -21.01 -22.05 8.53
C ASP B 194 -20.81 -22.03 10.05
N ARG B 195 -19.92 -21.15 10.53
CA ARG B 195 -19.67 -20.91 11.98
C ARG B 195 -20.44 -19.66 12.40
N TYR B 196 -21.48 -19.84 13.22
CA TYR B 196 -22.38 -18.75 13.69
C TYR B 196 -22.32 -18.64 15.21
N ASP B 197 -22.23 -17.41 15.73
CA ASP B 197 -22.47 -17.11 17.17
C ASP B 197 -23.97 -17.24 17.42
N GLU B 198 -24.77 -16.49 16.65
CA GLU B 198 -26.25 -16.57 16.58
C GLU B 198 -26.63 -17.13 15.21
N ILE B 199 -27.30 -18.29 15.16
CA ILE B 199 -27.73 -18.95 13.89
C ILE B 199 -28.73 -18.02 13.20
N PRO B 200 -28.36 -17.42 12.03
CA PRO B 200 -29.29 -16.55 11.31
C PRO B 200 -30.57 -17.31 10.95
N VAL B 201 -31.74 -16.66 11.05
CA VAL B 201 -33.04 -17.25 10.62
C VAL B 201 -33.53 -16.46 9.40
N LEU B 202 -33.88 -17.17 8.32
CA LEU B 202 -34.33 -16.55 7.04
C LEU B 202 -35.33 -17.48 6.36
N GLU B 203 -36.49 -16.96 5.95
CA GLU B 203 -37.56 -17.81 5.39
C GLU B 203 -37.04 -18.46 4.09
N ASN B 204 -37.16 -19.79 4.03
CA ASN B 204 -36.78 -20.67 2.89
C ASN B 204 -35.33 -21.13 3.01
N ILE B 205 -34.54 -20.62 3.97
CA ILE B 205 -33.13 -21.08 4.19
C ILE B 205 -32.95 -21.61 5.62
N ASP B 206 -32.51 -22.86 5.74
CA ASP B 206 -32.08 -23.52 6.99
C ASP B 206 -30.59 -23.19 7.22
N PHE B 207 -30.25 -22.51 8.32
CA PHE B 207 -28.85 -22.22 8.71
C PHE B 207 -28.37 -23.26 9.74
N ILE B 208 -27.23 -23.90 9.47
CA ILE B 208 -26.61 -24.95 10.32
C ILE B 208 -25.26 -24.44 10.84
N ASN B 209 -25.12 -24.34 12.16
CA ASN B 209 -23.81 -24.09 12.83
C ASN B 209 -23.00 -25.38 12.80
N GLY B 210 -21.81 -25.37 12.18
CA GLY B 210 -20.98 -26.57 12.04
C GLY B 210 -19.53 -26.24 11.72
N ASP B 211 -18.77 -27.24 11.32
CA ASP B 211 -17.31 -27.15 10.99
C ASP B 211 -17.02 -28.13 9.86
N PHE B 212 -16.74 -27.64 8.65
CA PHE B 212 -16.59 -28.48 7.44
C PHE B 212 -15.24 -29.20 7.45
N LEU B 213 -14.32 -28.86 8.38
CA LEU B 213 -13.03 -29.58 8.56
C LEU B 213 -13.26 -30.89 9.33
N LYS B 214 -14.38 -31.03 10.02
CA LYS B 214 -14.68 -32.23 10.85
C LYS B 214 -15.78 -33.07 10.19
N VAL B 215 -16.94 -32.49 9.87
CA VAL B 215 -18.08 -33.26 9.27
C VAL B 215 -18.97 -32.35 8.42
N ILE B 216 -19.54 -32.91 7.35
CA ILE B 216 -20.61 -32.28 6.52
C ILE B 216 -21.81 -33.21 6.57
N PRO B 217 -23.04 -32.68 6.81
CA PRO B 217 -24.22 -33.53 6.93
C PRO B 217 -24.58 -34.23 5.62
N SER B 218 -25.05 -35.47 5.73
CA SER B 218 -25.52 -36.32 4.61
C SER B 218 -26.93 -35.87 4.19
N GLY B 219 -27.44 -36.45 3.10
CA GLY B 219 -28.85 -36.33 2.69
C GLY B 219 -29.12 -35.12 1.82
N TYR B 220 -28.09 -34.49 1.26
CA TYR B 220 -28.21 -33.39 0.25
C TYR B 220 -27.81 -33.93 -1.13
N ASP B 221 -28.47 -33.39 -2.16
CA ASP B 221 -28.30 -33.77 -3.59
C ASP B 221 -27.16 -32.94 -4.20
N LEU B 222 -27.07 -31.66 -3.81
CA LEU B 222 -26.00 -30.73 -4.25
C LEU B 222 -25.31 -30.13 -3.02
N TYR B 223 -23.98 -30.23 -2.98
CA TYR B 223 -23.09 -29.54 -2.00
C TYR B 223 -22.33 -28.43 -2.73
N ILE B 224 -22.54 -27.18 -2.34
CA ILE B 224 -21.90 -25.99 -2.97
C ILE B 224 -20.74 -25.52 -2.09
N LEU B 225 -19.61 -25.21 -2.72
CA LEU B 225 -18.41 -24.58 -2.11
C LEU B 225 -18.03 -23.35 -2.94
N LYS B 226 -18.51 -22.16 -2.54
CA LYS B 226 -18.20 -20.88 -3.23
C LYS B 226 -17.15 -20.11 -2.43
N ASP B 227 -16.02 -19.84 -3.07
CA ASP B 227 -14.96 -18.98 -2.47
C ASP B 227 -14.56 -19.54 -1.10
N VAL B 228 -14.50 -20.87 -0.98
CA VAL B 228 -14.12 -21.60 0.26
C VAL B 228 -12.74 -22.24 0.03
N ILE B 229 -12.59 -23.03 -1.02
CA ILE B 229 -11.38 -23.89 -1.23
C ILE B 229 -10.13 -23.01 -1.31
N HIS B 230 -10.21 -21.81 -1.88
CA HIS B 230 -9.04 -20.92 -2.09
C HIS B 230 -8.55 -20.35 -0.75
N ASP B 231 -9.30 -20.52 0.36
CA ASP B 231 -8.87 -20.07 1.71
C ASP B 231 -7.86 -21.04 2.33
N TRP B 232 -7.66 -22.22 1.75
CA TRP B 232 -7.04 -23.37 2.45
C TRP B 232 -5.80 -23.88 1.72
N SER B 233 -4.85 -24.42 2.50
CA SER B 233 -3.73 -25.28 2.03
C SER B 233 -4.31 -26.48 1.27
N ASP B 234 -3.47 -27.16 0.49
CA ASP B 234 -3.84 -28.38 -0.28
C ASP B 234 -4.41 -29.45 0.68
N ASN B 235 -3.74 -29.71 1.80
CA ASN B 235 -4.15 -30.78 2.77
C ASN B 235 -5.52 -30.45 3.37
N ASN B 236 -5.77 -29.17 3.72
CA ASN B 236 -7.05 -28.71 4.32
C ASN B 236 -8.16 -28.72 3.26
N ALA B 237 -7.84 -28.36 2.02
CA ALA B 237 -8.78 -28.41 0.87
C ALA B 237 -9.19 -29.87 0.62
N ILE B 238 -8.22 -30.78 0.59
CA ILE B 238 -8.44 -32.25 0.45
C ILE B 238 -9.34 -32.74 1.59
N LEU B 239 -9.09 -32.29 2.82
CA LEU B 239 -9.89 -32.66 4.03
C LEU B 239 -11.36 -32.27 3.81
N ILE B 240 -11.62 -31.04 3.35
CA ILE B 240 -13.00 -30.51 3.07
C ILE B 240 -13.66 -31.41 2.02
N LEU B 241 -12.96 -31.75 0.94
CA LEU B 241 -13.50 -32.57 -0.18
C LEU B 241 -13.72 -34.01 0.29
N GLU B 242 -12.83 -34.56 1.12
CA GLU B 242 -12.98 -35.90 1.75
C GLU B 242 -14.26 -35.92 2.60
N ASN B 243 -14.52 -34.83 3.33
CA ASN B 243 -15.70 -34.70 4.24
C ASN B 243 -16.98 -34.55 3.40
N CYS B 244 -16.90 -33.95 2.21
CA CYS B 244 -18.00 -33.89 1.22
C CYS B 244 -18.36 -35.30 0.77
N ARG B 245 -17.36 -36.08 0.34
CA ARG B 245 -17.55 -37.46 -0.18
C ARG B 245 -18.20 -38.34 0.89
N LYS B 246 -17.75 -38.22 2.15
CA LYS B 246 -18.25 -39.04 3.29
C LYS B 246 -19.74 -38.73 3.53
N ALA B 247 -20.16 -37.50 3.25
CA ALA B 247 -21.57 -37.03 3.37
C ALA B 247 -22.41 -37.50 2.19
N MET B 248 -21.78 -37.77 1.04
CA MET B 248 -22.47 -37.99 -0.27
C MET B 248 -22.94 -39.44 -0.41
N ASP B 249 -24.10 -39.62 -1.05
CA ASP B 249 -24.60 -40.92 -1.54
C ASP B 249 -24.63 -40.87 -3.08
N ASN B 250 -24.86 -42.02 -3.70
CA ASN B 250 -24.91 -42.16 -5.18
CA ASN B 250 -24.93 -42.19 -5.19
C ASN B 250 -25.90 -41.15 -5.77
N GLY B 251 -25.48 -40.44 -6.82
CA GLY B 251 -26.30 -39.45 -7.54
C GLY B 251 -25.96 -38.01 -7.17
N SER B 252 -25.43 -37.78 -5.96
CA SER B 252 -25.15 -36.43 -5.42
C SER B 252 -23.90 -35.83 -6.10
N ALA B 253 -23.79 -34.50 -6.08
CA ALA B 253 -22.68 -33.75 -6.71
C ALA B 253 -22.15 -32.68 -5.76
N VAL B 254 -20.89 -32.31 -5.94
CA VAL B 254 -20.29 -31.07 -5.37
C VAL B 254 -20.15 -30.07 -6.52
N LEU B 255 -20.54 -28.82 -6.29
CA LEU B 255 -20.25 -27.72 -7.25
C LEU B 255 -19.30 -26.73 -6.57
N LEU B 256 -18.07 -26.65 -7.03
CA LEU B 256 -17.12 -25.56 -6.65
C LEU B 256 -17.50 -24.32 -7.46
N ILE B 257 -17.65 -23.18 -6.81
CA ILE B 257 -17.79 -21.85 -7.46
C ILE B 257 -16.52 -21.10 -7.05
N SER B 258 -15.55 -21.03 -7.95
CA SER B 258 -14.16 -20.68 -7.59
C SER B 258 -13.55 -19.79 -8.67
N MET B 259 -12.69 -18.86 -8.26
CA MET B 259 -11.70 -18.29 -9.19
C MET B 259 -10.85 -19.48 -9.66
N MET B 260 -10.39 -19.45 -10.90
CA MET B 260 -9.45 -20.46 -11.45
C MET B 260 -8.28 -19.73 -12.08
N LYS B 261 -7.07 -20.10 -11.67
CA LYS B 261 -5.80 -19.69 -12.35
C LYS B 261 -5.77 -20.38 -13.71
N LYS B 262 -5.37 -19.64 -14.74
CA LYS B 262 -5.21 -20.16 -16.13
C LYS B 262 -3.89 -19.63 -16.68
N PRO B 263 -3.31 -20.26 -17.72
CA PRO B 263 -2.13 -19.70 -18.38
C PRO B 263 -2.24 -18.19 -18.71
N GLN B 264 -3.42 -17.69 -19.09
CA GLN B 264 -3.60 -16.27 -19.52
C GLN B 264 -4.25 -15.43 -18.41
N SER B 265 -4.30 -15.95 -17.18
CA SER B 265 -4.79 -15.21 -15.98
C SER B 265 -3.98 -13.93 -15.81
N LYS B 266 -4.66 -12.83 -15.52
CA LYS B 266 -3.99 -11.60 -15.02
C LYS B 266 -4.65 -11.18 -13.71
N MET B 267 -5.98 -11.02 -13.68
CA MET B 267 -6.73 -10.60 -12.46
C MET B 267 -6.50 -11.63 -11.34
N VAL B 268 -6.52 -12.92 -11.68
CA VAL B 268 -6.44 -14.04 -10.68
C VAL B 268 -5.04 -14.04 -10.03
N ILE B 269 -3.97 -13.85 -10.82
CA ILE B 269 -2.57 -13.78 -10.34
C ILE B 269 -2.48 -12.60 -9.36
N TYR B 270 -3.10 -11.49 -9.72
CA TYR B 270 -3.16 -10.25 -8.92
C TYR B 270 -3.87 -10.51 -7.58
N PHE B 271 -4.92 -11.33 -7.59
CA PHE B 271 -5.75 -11.65 -6.39
C PHE B 271 -5.05 -12.69 -5.51
N ASP B 272 -4.29 -13.60 -6.13
CA ASP B 272 -3.62 -14.76 -5.49
C ASP B 272 -2.75 -14.28 -4.32
N ILE B 273 -2.05 -13.15 -4.48
CA ILE B 273 -1.13 -12.62 -3.44
C ILE B 273 -1.93 -12.22 -2.18
N LEU B 274 -3.11 -11.62 -2.38
N LEU B 274 -3.11 -11.62 -2.38
CA LEU B 274 -4.03 -11.25 -1.26
CA LEU B 274 -4.05 -11.24 -1.29
C LEU B 274 -4.42 -12.50 -0.47
C LEU B 274 -4.44 -12.49 -0.49
N MET B 275 -4.69 -13.62 -1.16
CA MET B 275 -5.07 -14.90 -0.49
C MET B 275 -3.92 -15.42 0.37
N ASP B 276 -2.67 -15.24 -0.07
N ASP B 276 -2.66 -15.25 -0.06
CA ASP B 276 -1.46 -15.63 0.72
CA ASP B 276 -1.46 -15.63 0.72
C ASP B 276 -1.41 -14.77 1.98
C ASP B 276 -1.41 -14.77 1.99
N VAL B 277 -1.53 -13.45 1.82
CA VAL B 277 -1.43 -12.43 2.92
C VAL B 277 -2.51 -12.71 3.97
N LEU B 278 -3.73 -13.05 3.57
CA LEU B 278 -4.88 -13.13 4.51
C LEU B 278 -5.02 -14.54 5.12
N PHE B 279 -4.79 -15.59 4.33
CA PHE B 279 -5.23 -16.97 4.67
C PHE B 279 -4.12 -18.02 4.62
N SER B 280 -2.96 -17.71 4.00
CA SER B 280 -2.05 -18.75 3.44
C SER B 280 -2.89 -19.62 2.49
N GLY B 281 -3.83 -18.98 1.80
CA GLY B 281 -4.65 -19.60 0.75
C GLY B 281 -3.97 -19.46 -0.59
N LYS B 282 -4.63 -19.92 -1.67
CA LYS B 282 -4.08 -19.82 -3.04
C LYS B 282 -5.20 -20.04 -4.06
N GLU B 283 -5.06 -19.42 -5.23
CA GLU B 283 -5.89 -19.71 -6.42
C GLU B 283 -5.21 -20.85 -7.19
N ARG B 284 -6.00 -21.73 -7.78
CA ARG B 284 -5.53 -23.03 -8.34
C ARG B 284 -5.90 -23.14 -9.81
N TYR B 285 -5.01 -23.77 -10.59
CA TYR B 285 -5.24 -24.26 -11.97
C TYR B 285 -6.27 -25.41 -11.93
N LEU B 286 -6.95 -25.66 -13.06
CA LEU B 286 -7.92 -26.78 -13.19
C LEU B 286 -7.23 -28.10 -12.82
N THR B 287 -5.99 -28.32 -13.29
CA THR B 287 -5.19 -29.54 -13.05
C THR B 287 -4.94 -29.72 -11.54
N GLU B 288 -4.83 -28.64 -10.79
CA GLU B 288 -4.64 -28.66 -9.32
C GLU B 288 -5.95 -29.09 -8.65
N PHE B 289 -7.10 -28.56 -9.11
CA PHE B 289 -8.45 -28.98 -8.65
C PHE B 289 -8.66 -30.47 -8.96
N GLU B 290 -8.19 -30.94 -10.12
CA GLU B 290 -8.24 -32.36 -10.57
C GLU B 290 -7.69 -33.26 -9.46
N ARG B 291 -6.45 -32.99 -9.04
CA ARG B 291 -5.67 -33.79 -8.06
C ARG B 291 -6.36 -33.77 -6.69
N LEU B 292 -6.69 -32.57 -6.19
CA LEU B 292 -7.39 -32.37 -4.89
C LEU B 292 -8.59 -33.32 -4.83
N ALA B 293 -9.46 -33.25 -5.85
CA ALA B 293 -10.74 -34.00 -5.94
C ALA B 293 -10.46 -35.51 -5.94
N ASN B 294 -9.49 -35.94 -6.75
CA ASN B 294 -9.10 -37.37 -6.92
C ASN B 294 -8.78 -37.98 -5.55
N GLN B 295 -7.99 -37.27 -4.75
CA GLN B 295 -7.53 -37.69 -3.39
C GLN B 295 -8.72 -37.90 -2.46
N ALA B 296 -9.88 -37.32 -2.77
CA ALA B 296 -11.12 -37.39 -1.96
C ALA B 296 -12.14 -38.32 -2.62
N GLY B 297 -11.69 -39.31 -3.41
CA GLY B 297 -12.58 -40.21 -4.14
C GLY B 297 -13.67 -39.42 -4.86
N LEU B 298 -13.32 -38.23 -5.36
CA LEU B 298 -14.16 -37.41 -6.25
C LEU B 298 -13.43 -37.23 -7.59
N VAL B 299 -14.17 -36.85 -8.63
CA VAL B 299 -13.64 -36.67 -10.02
C VAL B 299 -14.38 -35.48 -10.64
N ILE B 300 -13.67 -34.67 -11.43
CA ILE B 300 -14.25 -33.53 -12.18
C ILE B 300 -15.11 -34.09 -13.31
N GLN B 301 -16.40 -33.76 -13.32
CA GLN B 301 -17.39 -34.22 -14.32
C GLN B 301 -17.60 -33.12 -15.36
N ASP B 302 -17.49 -31.85 -14.98
CA ASP B 302 -17.69 -30.70 -15.90
C ASP B 302 -17.07 -29.44 -15.31
N VAL B 303 -16.67 -28.53 -16.19
CA VAL B 303 -16.10 -27.18 -15.88
C VAL B 303 -16.74 -26.17 -16.83
N LYS B 304 -17.30 -25.09 -16.31
CA LYS B 304 -17.88 -23.98 -17.11
C LYS B 304 -17.43 -22.63 -16.53
N ASP B 305 -17.18 -21.65 -17.40
CA ASP B 305 -16.78 -20.28 -17.00
C ASP B 305 -18.04 -19.44 -16.75
N ILE B 306 -18.04 -18.71 -15.62
CA ILE B 306 -19.01 -17.62 -15.34
C ILE B 306 -18.49 -16.36 -16.02
N ASP B 307 -17.21 -16.03 -15.81
CA ASP B 307 -16.55 -14.85 -16.41
C ASP B 307 -15.04 -15.11 -16.53
N GLU B 308 -14.24 -14.05 -16.61
CA GLU B 308 -12.77 -14.08 -16.81
C GLU B 308 -12.11 -14.83 -15.65
N SER B 309 -12.61 -14.63 -14.44
CA SER B 309 -12.01 -15.10 -13.16
C SER B 309 -12.73 -16.35 -12.62
N TYR B 310 -14.07 -16.34 -12.54
CA TYR B 310 -14.89 -17.37 -11.84
C TYR B 310 -15.31 -18.49 -12.78
N SER B 311 -15.14 -19.72 -12.32
CA SER B 311 -15.61 -20.95 -12.99
C SER B 311 -16.45 -21.79 -12.01
N ILE B 312 -17.25 -22.70 -12.55
CA ILE B 312 -17.94 -23.75 -11.75
C ILE B 312 -17.33 -25.09 -12.14
N ILE B 313 -17.08 -25.93 -11.15
CA ILE B 313 -16.46 -27.27 -11.28
C ILE B 313 -17.40 -28.26 -10.59
N GLN B 314 -18.04 -29.13 -11.37
CA GLN B 314 -18.92 -30.20 -10.84
C GLN B 314 -18.06 -31.43 -10.54
N LEU B 315 -18.09 -31.92 -9.30
N LEU B 315 -18.14 -31.95 -9.32
CA LEU B 315 -17.40 -33.17 -8.87
CA LEU B 315 -17.42 -33.16 -8.87
C LEU B 315 -18.44 -34.26 -8.60
C LEU B 315 -18.43 -34.27 -8.56
N GLY B 316 -18.07 -35.51 -8.87
CA GLY B 316 -18.81 -36.73 -8.48
C GLY B 316 -17.86 -37.70 -7.79
N ILE B 317 -18.37 -38.81 -7.26
CA ILE B 317 -17.53 -39.82 -6.54
C ILE B 317 -16.65 -40.54 -7.56
N LYS B 318 -15.38 -40.81 -7.20
CA LYS B 318 -14.38 -41.51 -8.04
C LYS B 318 -14.69 -43.02 -8.00
N SAH C . 19.74 17.58 5.60
CA SAH C . 19.82 16.07 5.71
CB SAH C . 18.72 15.47 6.59
CG SAH C . 17.32 15.82 6.16
SD SAH C . 16.04 15.04 7.20
C SAH C . 19.75 15.47 4.31
O SAH C . 20.13 14.30 4.14
OXT SAH C . 19.30 16.11 3.35
C5' SAH C . 15.75 16.31 8.47
C4' SAH C . 16.86 16.47 9.49
O4' SAH C . 16.45 17.46 10.46
C3' SAH C . 17.18 15.20 10.30
O3' SAH C . 18.57 14.91 10.25
C2' SAH C . 16.69 15.55 11.72
O2' SAH C . 17.40 14.87 12.74
C1' SAH C . 16.90 17.06 11.72
N9 SAH C . 16.15 17.75 12.75
C8 SAH C . 14.82 17.62 13.04
N7 SAH C . 14.41 18.41 14.00
C5 SAH C . 15.55 19.10 14.38
C6 SAH C . 15.77 20.09 15.36
N6 SAH C . 14.81 20.58 16.15
N1 SAH C . 17.04 20.58 15.47
C2 SAH C . 17.99 20.09 14.67
N3 SAH C . 17.89 19.17 13.70
C4 SAH C . 16.63 18.71 13.62
C1 EDO D . 24.06 24.90 18.80
O1 EDO D . 23.28 26.02 18.37
C2 EDO D . 23.66 24.39 20.14
O2 EDO D . 24.50 23.38 20.63
C1 EDO E . 6.90 8.87 -7.29
O1 EDO E . 8.23 9.29 -7.03
C2 EDO E . 6.55 8.87 -8.73
O2 EDO E . 6.87 10.09 -9.35
NA NA F . 25.81 17.48 5.62
CL CL G . 24.16 40.80 3.94
N SAH H . -19.52 -18.91 0.40
CA SAH H . -19.59 -17.50 0.88
CB SAH H . -18.46 -17.15 1.86
CG SAH H . -17.04 -17.49 1.39
SD SAH H . -15.76 -16.95 2.57
C SAH H . -19.54 -16.54 -0.32
O SAH H . -19.96 -15.39 -0.21
OXT SAH H . -19.08 -16.90 -1.41
C5' SAH H . -15.36 -18.48 3.47
C4' SAH H . -16.47 -18.95 4.38
O4' SAH H . -16.06 -20.17 5.06
C3' SAH H . -16.85 -17.96 5.48
O3' SAH H . -18.25 -17.75 5.48
C2' SAH H . -16.33 -18.62 6.77
O2' SAH H . -17.06 -18.25 7.92
C1' SAH H . -16.49 -20.09 6.39
N9 SAH H . -15.69 -21.01 7.20
C8 SAH H . -14.36 -20.89 7.51
N7 SAH H . -13.91 -21.89 8.23
C5 SAH H . -15.00 -22.71 8.40
C6 SAH H . -15.17 -23.94 9.09
N6 SAH H . -14.17 -24.56 9.71
N1 SAH H . -16.40 -24.51 9.07
C2 SAH H . -17.39 -23.86 8.43
N3 SAH H . -17.34 -22.72 7.76
C4 SAH H . -16.12 -22.18 7.78
C1 EDO I . -18.71 -13.90 7.90
O1 EDO I . -20.03 -13.43 7.76
C2 EDO I . -18.46 -15.18 7.17
O2 EDO I . -19.00 -15.19 5.85
NA NA J . -17.81 8.37 1.45
CL CL K . -13.31 30.80 3.04
#